data_8EPA
#
_entry.id   8EPA
#
_cell.length_a   1.00
_cell.length_b   1.00
_cell.length_c   1.00
_cell.angle_alpha   90.00
_cell.angle_beta   90.00
_cell.angle_gamma   90.00
#
_symmetry.space_group_name_H-M   'P 1'
#
loop_
_entity.id
_entity.type
_entity.pdbx_description
1 polymer 'Cytokine receptor common subunit gamma'
2 polymer 'REGN7257 Fab heavy chain'
3 polymer 'REGN7257 Fab light chain'
4 polymer 'REGN9432 Fab heavy chain'
5 polymer 'REGN9432 Fab light chain'
6 branched 2-acetamido-2-deoxy-beta-D-glucopyranose-(1-4)-2-acetamido-2-deoxy-beta-D-glucopyranose
#
loop_
_entity_poly.entity_id
_entity_poly.type
_entity_poly.pdbx_seq_one_letter_code
_entity_poly.pdbx_strand_id
1 'polypeptide(L)'
;LNTTILTPNGNEDTTADFFLTTMPTDSLSVSTLPLPEVQCFVFNVEYMNCTWNSSSEPQPTNLTLHYWYKNSDNDKVQKC
SHYLFSEEITSGCQLQKKEIHLYQTFVVQLQDPREPRRQATQMLKLQNLVIPWAPENLTLHKLSESQLELNWNNRFLNHC
LEHLVQYRTDWDHSWTEQSVDYRHKFSLPSVDGQKRYTFRVRSRFNPLCGSAQHWSEWSHPIHWGSNTSKENPFLFALEA
EQKLISEEDLGGEQKLISEEDLHHHHHH
;
I
2 'polypeptide(L)'
;EVQLVESGGGLVQPGGSLRLSCAASGFIFSSYEMHWVRQAPGKGLEWISYISSSGTTIYYADSVKGRFTISRDNAKNSLY
LHMNSLRAEDTAVYYCTRARITGTFDVFDIWGQGTMVTVSSASTKGPSVFPLAPCSRSTSESTAALGCLVKDYFPEPVTV
SWNSGALTSGVHTFPAVLQSSGLYSLSSVVTVPSSSLGTKTYTCNVDHKPSNTKVDKRVE
;
H
3 'polypeptide(L)'
;DIQMTQSPSSLSASVGDRVTITCRASQSISSYLNWYQQKPGKAPKLLIFAASNLQSGVPSRFSGSRSGTDFTLTISSLQP
EDFATYYCQQNYNIPYTFGQGTKLEIKRTVAAPSVFIFPPSDEQLKSGTASVVCLLNNFYPREAKVQWKVDNALQSGNSQ
ESVTEQDSKDSTYSLSSTLTLSKADYEKHKVYACEVTHQGLSSPVTKSFNRGEC
;
L
4 'polypeptide(L)'
;EVQLVESGGGVVRPGGSLRLSCAASGFTFDDFDMSWVRQGPGKGLEWVSGINWHGSSTGYADSVKGRFTISRDNAKNSLY
LQMSSLRAEDTALYHCVRGGTIVGATTPLDYWGQGTLVTVSSASTKGPSVFPLAPCSRSTSESTAALGCLVKDYFPEPVT
VSWNSGALTSGVHTFPAVLQSSGLYSLSSVVTVPSSSLGTKTYTCNVDHKPSNTKVDKRVE
;
A
5 'polypeptide(L)'
;DIQMTQSPSSLSASVGDRVTMTCRASRTISSYLSWYQQKSGKVPNLLIFGASSLQSGVPSRFSASGSGTDFTLIISSLQP
EDFATYYCQQSYSSPLTFGGGTKVEIKRTVAAPSVFIFPPSDEQLKSGTASVVCLLNNFYPREAKVQWKVDNALQSGNSQ
ESVTEQDSKDSTYSLSSTLTLSKADYEKHKVYACEVTHQGLSSPVTKSFNRGEC
;
B
#
# COMPACT_ATOMS: atom_id res chain seq x y z
N THR A 32 14.93 23.84 2.00
CA THR A 32 16.09 23.34 1.29
C THR A 32 15.91 21.87 0.91
N LEU A 33 15.99 20.99 1.90
CA LEU A 33 15.83 19.57 1.66
C LEU A 33 14.89 18.96 2.70
N PRO A 34 14.12 17.94 2.31
CA PRO A 34 13.24 17.28 3.27
C PRO A 34 13.88 16.05 3.89
N LEU A 35 13.46 15.75 5.11
CA LEU A 35 13.92 14.54 5.77
C LEU A 35 13.37 13.31 5.05
N PRO A 36 14.07 12.18 5.14
CA PRO A 36 13.66 10.99 4.36
C PRO A 36 12.33 10.38 4.79
N GLU A 37 11.62 11.00 5.74
CA GLU A 37 10.29 10.61 6.21
C GLU A 37 10.27 9.17 6.72
N VAL A 38 9.12 8.71 7.24
CA VAL A 38 9.06 7.41 7.87
C VAL A 38 7.62 6.92 7.85
N GLN A 39 7.45 5.63 7.61
CA GLN A 39 6.18 4.93 7.80
C GLN A 39 6.32 3.98 8.97
N CYS A 40 5.35 4.00 9.88
CA CYS A 40 5.36 3.15 11.05
C CYS A 40 4.16 2.21 11.00
N PHE A 41 4.41 0.93 11.26
CA PHE A 41 3.36 -0.09 11.25
C PHE A 41 3.50 -0.99 12.47
N VAL A 42 2.39 -1.21 13.16
CA VAL A 42 2.34 -2.11 14.30
C VAL A 42 2.07 -3.51 13.79
N PHE A 43 2.97 -4.45 14.10
CA PHE A 43 2.91 -5.79 13.54
C PHE A 43 2.21 -6.71 14.53
N ASN A 44 0.92 -6.94 14.31
CA ASN A 44 0.13 -7.90 15.09
C ASN A 44 0.15 -7.58 16.58
N VAL A 45 0.41 -6.32 16.92
CA VAL A 45 0.51 -5.85 18.30
C VAL A 45 1.46 -6.75 19.07
N GLU A 46 2.68 -6.88 18.56
CA GLU A 46 3.77 -7.54 19.26
C GLU A 46 4.97 -6.62 19.47
N TYR A 47 5.34 -5.86 18.44
CA TYR A 47 6.33 -4.82 18.55
C TYR A 47 6.06 -3.82 17.44
N MET A 48 6.63 -2.63 17.57
CA MET A 48 6.38 -1.54 16.65
C MET A 48 7.65 -1.26 15.88
N ASN A 49 7.52 -1.15 14.55
CA ASN A 49 8.66 -0.98 13.66
C ASN A 49 8.46 0.24 12.79
N CYS A 50 9.44 1.14 12.80
CA CYS A 50 9.46 2.29 11.91
C CYS A 50 10.69 2.18 11.03
N THR A 51 10.49 2.19 9.71
CA THR A 51 11.56 2.01 8.75
C THR A 51 11.68 3.25 7.89
N TRP A 52 12.87 3.85 7.85
CA TRP A 52 13.14 5.01 7.03
C TRP A 52 14.44 4.81 6.27
N ASN A 53 14.42 5.13 4.98
CA ASN A 53 15.56 4.89 4.11
C ASN A 53 16.50 6.10 4.15
N SER A 54 17.69 5.90 4.68
CA SER A 54 18.71 6.94 4.75
C SER A 54 19.59 6.98 3.52
N SER A 55 19.32 6.12 2.53
CA SER A 55 20.19 6.03 1.36
C SER A 55 20.11 7.28 0.49
N SER A 56 18.93 7.89 0.37
CA SER A 56 18.77 9.01 -0.55
C SER A 56 19.63 10.20 -0.14
N GLU A 57 19.68 10.51 1.15
CA GLU A 57 20.47 11.65 1.60
C GLU A 57 21.96 11.33 1.52
N PRO A 58 22.79 12.34 1.28
CA PRO A 58 24.24 12.12 1.29
C PRO A 58 24.74 11.84 2.69
N GLN A 59 25.90 11.16 2.77
CA GLN A 59 26.54 10.83 4.03
C GLN A 59 25.56 10.03 4.88
N PRO A 60 25.32 8.76 4.54
CA PRO A 60 24.24 8.01 5.21
C PRO A 60 24.42 7.95 6.72
N THR A 61 23.32 8.18 7.42
CA THR A 61 23.33 8.28 8.87
C THR A 61 22.04 7.66 9.40
N ASN A 62 22.13 7.00 10.54
CA ASN A 62 20.98 6.39 11.19
C ASN A 62 20.54 7.34 12.29
N LEU A 63 19.58 8.21 11.98
CA LEU A 63 19.20 9.29 12.87
C LEU A 63 18.41 8.77 14.07
N THR A 64 18.34 9.61 15.11
CA THR A 64 17.64 9.26 16.33
C THR A 64 16.13 9.29 16.13
N LEU A 65 15.42 8.54 16.95
CA LEU A 65 13.96 8.46 16.90
C LEU A 65 13.39 8.70 18.30
N HIS A 66 12.20 9.30 18.35
CA HIS A 66 11.52 9.57 19.62
C HIS A 66 10.05 9.22 19.49
N TYR A 67 9.34 9.30 20.60
CA TYR A 67 7.94 8.91 20.64
C TYR A 67 7.36 9.31 21.99
N TRP A 68 6.05 9.57 21.99
CA TRP A 68 5.33 9.77 23.25
C TRP A 68 3.84 9.56 23.01
N TYR A 69 3.16 9.10 24.06
CA TYR A 69 1.73 8.82 24.03
C TYR A 69 1.00 9.99 24.67
N LYS A 70 0.33 10.79 23.86
CA LYS A 70 -0.37 11.95 24.40
C LYS A 70 -1.61 11.54 25.19
N ASN A 71 -2.26 10.44 24.81
CA ASN A 71 -3.56 10.09 25.37
C ASN A 71 -3.48 9.86 26.88
N SER A 72 -2.56 9.01 27.32
CA SER A 72 -2.50 8.66 28.74
C SER A 72 -1.95 9.82 29.56
N ASP A 73 -2.56 10.05 30.71
CA ASP A 73 -2.03 11.03 31.66
C ASP A 73 -0.74 10.51 32.29
N ASN A 74 0.02 11.43 32.86
CA ASN A 74 1.31 11.13 33.47
C ASN A 74 2.24 10.45 32.46
N ASP A 75 2.53 11.19 31.39
CA ASP A 75 3.32 10.69 30.27
C ASP A 75 4.64 11.44 30.18
N LYS A 76 5.60 10.82 29.49
CA LYS A 76 6.94 11.36 29.35
C LYS A 76 7.43 11.20 27.92
N VAL A 77 8.36 12.05 27.52
CA VAL A 77 9.04 11.92 26.24
C VAL A 77 10.18 10.93 26.40
N GLN A 78 10.22 9.92 25.54
CA GLN A 78 11.17 8.84 25.68
C GLN A 78 12.11 8.79 24.48
N LYS A 79 13.25 8.13 24.68
CA LYS A 79 14.25 7.93 23.63
C LYS A 79 14.23 6.46 23.26
N CYS A 80 14.33 6.17 21.96
CA CYS A 80 14.18 4.78 21.52
C CYS A 80 15.41 3.95 21.86
N SER A 81 16.56 4.30 21.27
CA SER A 81 17.84 3.67 21.57
C SER A 81 17.81 2.15 21.35
N HIS A 82 16.99 1.68 20.41
CA HIS A 82 16.90 0.27 20.06
C HIS A 82 16.87 0.11 18.54
N TYR A 83 17.78 0.81 17.87
CA TYR A 83 17.77 0.88 16.41
C TYR A 83 18.07 -0.47 15.78
N CYS A 93 13.10 2.42 14.10
CA CYS A 93 13.47 1.86 15.39
C CYS A 93 12.58 0.70 15.77
N GLN A 94 12.57 0.36 17.06
CA GLN A 94 11.75 -0.73 17.58
C GLN A 94 11.25 -0.38 18.97
N LEU A 95 9.99 -0.68 19.22
CA LEU A 95 9.39 -0.51 20.53
C LEU A 95 8.69 -1.81 20.90
N GLN A 96 8.88 -2.25 22.14
CA GLN A 96 8.28 -3.49 22.60
C GLN A 96 6.81 -3.27 22.97
N LYS A 97 6.11 -4.38 23.21
CA LYS A 97 4.70 -4.30 23.59
C LYS A 97 4.52 -3.57 24.92
N LYS A 98 5.57 -3.44 25.72
CA LYS A 98 5.47 -2.73 26.99
C LYS A 98 5.13 -1.26 26.79
N GLU A 99 5.43 -0.72 25.61
CA GLU A 99 5.15 0.68 25.30
C GLU A 99 4.34 0.82 24.03
N ILE A 100 3.27 0.04 23.91
CA ILE A 100 2.32 0.17 22.80
C ILE A 100 0.93 0.28 23.39
N HIS A 101 0.24 1.38 23.09
CA HIS A 101 -1.13 1.61 23.52
C HIS A 101 -1.97 1.91 22.30
N LEU A 102 -3.00 1.11 22.08
CA LEU A 102 -3.87 1.26 20.93
C LEU A 102 -5.12 2.05 21.32
N TYR A 103 -6.04 2.19 20.37
CA TYR A 103 -7.31 2.87 20.56
C TYR A 103 -7.13 4.31 21.01
N GLN A 104 -5.97 4.90 20.72
CA GLN A 104 -5.58 6.15 21.33
C GLN A 104 -4.60 6.87 20.42
N THR A 105 -4.06 7.99 20.92
CA THR A 105 -3.21 8.86 20.11
C THR A 105 -1.74 8.54 20.32
N PHE A 106 -0.98 8.57 19.23
CA PHE A 106 0.45 8.33 19.25
C PHE A 106 1.14 9.28 18.30
N VAL A 107 2.30 9.78 18.71
CA VAL A 107 3.06 10.75 17.93
C VAL A 107 4.48 10.24 17.77
N VAL A 108 5.01 10.33 16.55
CA VAL A 108 6.38 9.92 16.26
C VAL A 108 7.14 11.13 15.73
N GLN A 109 8.46 11.10 15.88
CA GLN A 109 9.27 12.16 15.30
C GLN A 109 10.69 11.64 15.08
N LEU A 110 11.37 12.25 14.12
CA LEU A 110 12.76 11.93 13.79
C LEU A 110 13.61 13.17 14.02
N GLN A 111 14.79 12.97 14.58
CA GLN A 111 15.70 14.08 14.83
C GLN A 111 17.08 13.72 14.28
N ASP A 112 17.71 14.68 13.60
CA ASP A 112 19.07 14.53 13.12
C ASP A 112 20.02 15.30 14.03
N PRO A 113 21.25 14.81 14.22
CA PRO A 113 22.15 15.47 15.16
C PRO A 113 22.79 16.74 14.62
N ARG A 114 22.91 16.89 13.30
CA ARG A 114 23.62 18.04 12.75
C ARG A 114 22.80 19.31 12.91
N GLU A 115 21.51 19.25 12.60
CA GLU A 115 20.62 20.42 12.66
C GLU A 115 19.46 20.12 13.59
N PRO A 116 19.60 20.39 14.89
CA PRO A 116 18.50 20.13 15.83
C PRO A 116 17.24 20.91 15.51
N ARG A 117 17.37 22.10 14.91
CA ARG A 117 16.19 22.91 14.60
C ARG A 117 15.29 22.19 13.60
N ARG A 118 15.87 21.50 12.63
CA ARG A 118 15.10 20.82 11.61
C ARG A 118 14.84 19.38 12.04
N GLN A 119 13.58 18.95 11.94
CA GLN A 119 13.18 17.63 12.38
C GLN A 119 11.93 17.24 11.61
N ALA A 120 11.29 16.14 12.01
CA ALA A 120 10.03 15.71 11.44
C ALA A 120 9.09 15.32 12.58
N THR A 121 7.79 15.32 12.28
CA THR A 121 6.79 14.85 13.24
C THR A 121 5.50 14.54 12.51
N GLN A 122 4.79 13.54 13.00
CA GLN A 122 3.51 13.13 12.42
C GLN A 122 2.56 12.75 13.54
N MET A 123 1.26 12.81 13.24
CA MET A 123 0.22 12.36 14.15
C MET A 123 -0.43 11.12 13.54
N LEU A 124 -0.42 10.03 14.29
CA LEU A 124 -0.83 8.73 13.77
C LEU A 124 -1.97 8.17 14.60
N LYS A 125 -2.99 7.66 13.90
CA LYS A 125 -4.03 6.87 14.54
C LYS A 125 -3.55 5.42 14.54
N LEU A 126 -3.11 4.95 15.72
CA LEU A 126 -2.45 3.64 15.78
C LEU A 126 -3.37 2.50 15.41
N GLN A 127 -4.69 2.70 15.46
CA GLN A 127 -5.61 1.68 14.99
C GLN A 127 -5.92 1.83 13.50
N ASN A 128 -5.29 2.79 12.82
CA ASN A 128 -5.42 2.94 11.39
C ASN A 128 -4.22 2.41 10.62
N LEU A 129 -3.22 1.84 11.31
CA LEU A 129 -1.98 1.46 10.65
C LEU A 129 -1.48 0.10 11.13
N VAL A 130 -2.37 -0.75 11.63
CA VAL A 130 -1.98 -2.07 12.11
C VAL A 130 -1.84 -3.00 10.91
N ILE A 131 -0.65 -3.58 10.76
CA ILE A 131 -0.39 -4.55 9.70
C ILE A 131 -0.02 -5.86 10.37
N PRO A 132 -0.98 -6.72 10.69
CA PRO A 132 -0.68 -7.95 11.43
C PRO A 132 0.14 -8.91 10.60
N TRP A 133 0.62 -9.96 11.26
CA TRP A 133 1.31 -11.01 10.54
C TRP A 133 0.37 -11.66 9.53
N ALA A 134 0.93 -12.18 8.46
CA ALA A 134 0.14 -12.98 7.55
C ALA A 134 -0.45 -14.15 8.32
N PRO A 135 -1.73 -14.45 8.14
CA PRO A 135 -2.36 -15.50 8.96
C PRO A 135 -1.66 -16.83 8.78
N GLU A 136 -1.53 -17.55 9.89
CA GLU A 136 -0.89 -18.86 9.88
C GLU A 136 -1.92 -19.96 9.63
N ASN A 137 -1.41 -21.18 9.49
CA ASN A 137 -2.19 -22.43 9.39
C ASN A 137 -3.50 -22.23 8.63
N LEU A 138 -3.36 -21.84 7.36
CA LEU A 138 -4.53 -21.56 6.55
C LEU A 138 -5.27 -22.86 6.30
N THR A 139 -6.26 -23.15 7.15
CA THR A 139 -6.94 -24.43 7.08
C THR A 139 -8.03 -24.39 6.03
N LEU A 140 -8.09 -25.42 5.20
CA LEU A 140 -9.15 -25.59 4.22
C LEU A 140 -9.88 -26.89 4.52
N HIS A 141 -11.21 -26.84 4.51
CA HIS A 141 -11.99 -28.06 4.63
C HIS A 141 -13.27 -27.92 3.82
N LYS A 142 -13.78 -29.06 3.39
CA LYS A 142 -14.73 -29.15 2.29
C LYS A 142 -16.07 -29.61 2.84
N LEU A 143 -16.98 -28.66 3.05
CA LEU A 143 -18.27 -28.98 3.67
C LEU A 143 -19.12 -29.84 2.75
N SER A 144 -19.28 -29.43 1.49
CA SER A 144 -20.15 -30.12 0.55
C SER A 144 -19.38 -30.44 -0.73
N GLU A 145 -20.08 -31.08 -1.67
CA GLU A 145 -19.45 -31.57 -2.88
C GLU A 145 -19.14 -30.47 -3.89
N SER A 146 -19.68 -29.26 -3.72
CA SER A 146 -19.46 -28.22 -4.71
C SER A 146 -19.21 -26.85 -4.09
N GLN A 147 -18.90 -26.78 -2.79
CA GLN A 147 -18.61 -25.50 -2.15
C GLN A 147 -17.56 -25.70 -1.09
N LEU A 148 -16.82 -24.64 -0.79
CA LEU A 148 -15.67 -24.70 0.08
C LEU A 148 -15.76 -23.64 1.17
N GLU A 149 -15.05 -23.88 2.27
CA GLU A 149 -14.96 -22.93 3.37
C GLU A 149 -13.50 -22.80 3.79
N LEU A 150 -13.09 -21.59 4.14
CA LEU A 150 -11.70 -21.26 4.43
C LEU A 150 -11.60 -20.69 5.84
N ASN A 151 -10.64 -21.19 6.62
CA ASN A 151 -10.42 -20.75 7.99
C ASN A 151 -8.95 -20.39 8.18
N TRP A 152 -8.70 -19.36 8.97
CA TRP A 152 -7.33 -18.97 9.29
C TRP A 152 -7.33 -18.22 10.61
N ASN A 153 -6.34 -18.50 11.45
CA ASN A 153 -6.24 -17.91 12.77
C ASN A 153 -5.11 -16.88 12.77
N ASN A 154 -5.46 -15.62 12.98
CA ASN A 154 -4.42 -14.61 13.12
C ASN A 154 -3.70 -14.80 14.46
N ARG A 155 -2.52 -14.19 14.56
CA ARG A 155 -1.65 -14.46 15.69
C ARG A 155 -2.23 -13.92 17.00
N PHE A 156 -2.67 -12.67 17.01
CA PHE A 156 -3.11 -12.06 18.25
C PHE A 156 -4.51 -11.50 18.23
N LEU A 157 -4.94 -10.90 17.11
CA LEU A 157 -6.17 -10.13 17.08
C LEU A 157 -7.26 -10.90 16.33
N ASN A 158 -8.46 -10.91 16.88
CA ASN A 158 -9.58 -11.61 16.25
C ASN A 158 -10.77 -10.70 15.95
N HIS A 159 -11.20 -9.88 16.90
CA HIS A 159 -12.48 -9.20 16.81
C HIS A 159 -12.39 -7.81 16.19
N CYS A 160 -11.26 -7.46 15.57
CA CYS A 160 -11.12 -6.14 14.98
C CYS A 160 -10.46 -6.20 13.61
N LEU A 161 -10.71 -7.26 12.85
CA LEU A 161 -10.03 -7.49 11.58
C LEU A 161 -11.04 -7.80 10.48
N GLU A 162 -10.85 -7.20 9.31
CA GLU A 162 -11.52 -7.64 8.10
C GLU A 162 -10.53 -8.35 7.19
N HIS A 163 -11.05 -9.13 6.26
CA HIS A 163 -10.22 -10.04 5.48
C HIS A 163 -10.55 -9.92 4.00
N LEU A 164 -9.61 -10.39 3.17
CA LEU A 164 -9.78 -10.50 1.74
C LEU A 164 -9.18 -11.82 1.27
N VAL A 165 -9.82 -12.45 0.29
CA VAL A 165 -9.33 -13.69 -0.28
C VAL A 165 -9.27 -13.53 -1.80
N GLN A 166 -8.21 -14.04 -2.40
CA GLN A 166 -8.06 -14.09 -3.86
C GLN A 166 -7.85 -15.54 -4.26
N TYR A 167 -8.71 -16.05 -5.13
CA TYR A 167 -8.61 -17.40 -5.63
C TYR A 167 -8.57 -17.39 -7.16
N ARG A 168 -7.79 -18.29 -7.72
CA ARG A 168 -7.63 -18.40 -9.17
C ARG A 168 -8.00 -19.82 -9.59
N THR A 169 -7.86 -20.09 -10.88
CA THR A 169 -8.24 -21.38 -11.43
C THR A 169 -7.31 -21.68 -12.61
N ASP A 170 -7.37 -22.91 -13.11
CA ASP A 170 -6.54 -23.29 -14.24
C ASP A 170 -6.78 -22.38 -15.44
N TRP A 171 -5.69 -21.96 -16.06
CA TRP A 171 -5.72 -21.16 -17.28
C TRP A 171 -6.33 -19.79 -17.07
N ASP A 172 -6.68 -19.45 -15.84
CA ASP A 172 -7.30 -18.16 -15.57
C ASP A 172 -6.29 -17.04 -15.75
N HIS A 173 -6.68 -16.01 -16.51
CA HIS A 173 -5.81 -14.87 -16.70
C HIS A 173 -5.80 -13.97 -15.47
N SER A 174 -6.93 -13.87 -14.77
CA SER A 174 -7.10 -12.92 -13.69
C SER A 174 -7.29 -13.64 -12.36
N TRP A 175 -7.57 -12.87 -11.32
CA TRP A 175 -7.74 -13.36 -9.96
C TRP A 175 -9.01 -12.75 -9.38
N THR A 176 -9.87 -13.60 -8.83
CA THR A 176 -11.19 -13.19 -8.35
C THR A 176 -11.15 -12.89 -6.86
N GLU A 177 -11.65 -11.71 -6.48
CA GLU A 177 -11.58 -11.23 -5.11
C GLU A 177 -12.93 -11.34 -4.42
N GLN A 178 -12.90 -11.27 -3.10
CA GLN A 178 -14.10 -11.25 -2.28
C GLN A 178 -13.72 -10.85 -0.86
N SER A 179 -14.49 -9.93 -0.29
CA SER A 179 -14.22 -9.45 1.06
C SER A 179 -14.99 -10.30 2.08
N VAL A 180 -14.48 -10.31 3.32
CA VAL A 180 -15.08 -11.05 4.42
C VAL A 180 -15.23 -10.11 5.60
N ASP A 181 -16.23 -10.38 6.42
CA ASP A 181 -16.55 -9.52 7.56
C ASP A 181 -15.55 -9.78 8.70
N TYR A 182 -15.85 -9.27 9.89
CA TYR A 182 -14.95 -9.47 11.01
C TYR A 182 -14.78 -10.94 11.35
N ARG A 183 -15.78 -11.75 11.03
CA ARG A 183 -15.62 -13.20 11.14
C ARG A 183 -14.60 -13.68 10.11
N HIS A 184 -13.87 -14.72 10.48
CA HIS A 184 -12.71 -15.18 9.71
C HIS A 184 -13.02 -16.39 8.85
N LYS A 185 -14.22 -16.47 8.27
CA LYS A 185 -14.59 -17.57 7.39
C LYS A 185 -15.06 -17.03 6.05
N PHE A 186 -14.53 -17.59 4.96
CA PHE A 186 -14.93 -17.25 3.60
C PHE A 186 -15.42 -18.51 2.90
N SER A 187 -16.48 -18.37 2.11
CA SER A 187 -17.08 -19.50 1.41
C SER A 187 -16.97 -19.29 -0.09
N LEU A 188 -16.52 -20.32 -0.79
CA LEU A 188 -16.53 -20.33 -2.25
C LEU A 188 -17.74 -21.11 -2.72
N PRO A 189 -18.73 -20.47 -3.33
CA PRO A 189 -19.98 -21.19 -3.64
C PRO A 189 -19.83 -22.20 -4.76
N SER A 190 -19.01 -21.93 -5.76
CA SER A 190 -18.88 -22.80 -6.93
C SER A 190 -17.44 -23.27 -7.06
N VAL A 191 -17.25 -24.58 -7.12
CA VAL A 191 -15.95 -25.19 -7.32
C VAL A 191 -16.08 -26.27 -8.39
N ASP A 192 -14.93 -26.69 -8.92
CA ASP A 192 -14.87 -27.75 -9.91
C ASP A 192 -13.88 -28.80 -9.46
N GLY A 193 -14.14 -30.04 -9.87
CA GLY A 193 -13.31 -31.16 -9.45
C GLY A 193 -11.91 -31.15 -10.04
N GLN A 194 -11.81 -31.24 -11.36
CA GLN A 194 -10.49 -31.35 -11.99
C GLN A 194 -9.69 -30.07 -11.88
N LYS A 195 -10.35 -28.91 -11.88
CA LYS A 195 -9.63 -27.65 -11.79
C LYS A 195 -9.01 -27.50 -10.41
N ARG A 196 -7.93 -26.72 -10.35
CA ARG A 196 -7.20 -26.51 -9.11
C ARG A 196 -7.09 -25.01 -8.82
N TYR A 197 -7.24 -24.65 -7.55
CA TYR A 197 -7.32 -23.25 -7.13
C TYR A 197 -6.18 -22.91 -6.18
N THR A 198 -5.74 -21.65 -6.24
CA THR A 198 -4.72 -21.13 -5.35
C THR A 198 -5.34 -20.03 -4.50
N PHE A 199 -5.23 -20.15 -3.18
CA PHE A 199 -5.77 -19.18 -2.25
C PHE A 199 -4.64 -18.46 -1.53
N ARG A 200 -4.74 -17.14 -1.45
CA ARG A 200 -3.84 -16.35 -0.62
C ARG A 200 -4.66 -15.29 0.09
N VAL A 201 -4.46 -15.16 1.41
CA VAL A 201 -5.31 -14.35 2.26
C VAL A 201 -4.47 -13.28 2.94
N ARG A 202 -5.01 -12.07 3.00
CA ARG A 202 -4.40 -11.00 3.78
C ARG A 202 -5.47 -10.30 4.59
N SER A 203 -5.21 -10.12 5.88
CA SER A 203 -6.18 -9.51 6.78
C SER A 203 -6.02 -7.99 6.76
N ARG A 204 -6.87 -7.31 7.53
CA ARG A 204 -6.90 -5.86 7.54
C ARG A 204 -7.60 -5.39 8.81
N PHE A 205 -7.02 -4.39 9.47
CA PHE A 205 -7.51 -3.92 10.76
C PHE A 205 -8.63 -2.91 10.54
N ASN A 206 -9.84 -3.44 10.33
CA ASN A 206 -10.98 -2.64 9.89
C ASN A 206 -12.25 -3.47 10.01
N PRO A 207 -13.43 -2.87 10.28
CA PRO A 207 -13.71 -1.47 10.61
C PRO A 207 -14.20 -1.26 12.05
N LEU A 208 -14.36 -2.36 12.79
CA LEU A 208 -14.94 -2.28 14.12
C LEU A 208 -14.07 -1.47 15.07
N CYS A 209 -12.76 -1.64 15.00
CA CYS A 209 -11.84 -1.01 15.94
C CYS A 209 -10.82 -0.12 15.24
N GLY A 210 -11.14 0.38 14.05
CA GLY A 210 -10.22 1.21 13.31
C GLY A 210 -10.64 1.30 11.85
N SER A 211 -9.78 1.94 11.07
CA SER A 211 -10.04 2.08 9.64
C SER A 211 -8.76 1.87 8.83
N ALA A 212 -7.98 0.87 9.20
CA ALA A 212 -6.74 0.61 8.49
C ALA A 212 -7.02 0.18 7.06
N GLN A 213 -6.30 0.78 6.12
CA GLN A 213 -6.50 0.50 4.69
C GLN A 213 -5.49 -0.48 4.13
N HIS A 214 -4.23 -0.40 4.57
CA HIS A 214 -3.20 -1.27 4.04
C HIS A 214 -3.47 -2.72 4.39
N TRP A 215 -3.13 -3.62 3.48
CA TRP A 215 -3.38 -5.04 3.66
C TRP A 215 -2.14 -5.73 4.20
N SER A 216 -2.37 -6.86 4.87
CA SER A 216 -1.27 -7.66 5.38
C SER A 216 -0.48 -8.28 4.23
N GLU A 217 0.71 -8.77 4.55
CA GLU A 217 1.49 -9.51 3.58
C GLU A 217 0.77 -10.79 3.20
N TRP A 218 0.90 -11.18 1.94
CA TRP A 218 0.29 -12.42 1.48
C TRP A 218 0.80 -13.58 2.32
N SER A 219 -0.11 -14.45 2.74
CA SER A 219 0.28 -15.60 3.54
C SER A 219 0.95 -16.63 2.65
N HIS A 220 1.34 -17.74 3.25
CA HIS A 220 1.86 -18.86 2.47
C HIS A 220 0.76 -19.36 1.55
N PRO A 221 1.00 -19.45 0.25
CA PRO A 221 -0.07 -19.83 -0.67
C PRO A 221 -0.50 -21.27 -0.44
N ILE A 222 -1.70 -21.47 0.09
CA ILE A 222 -2.23 -22.81 0.25
C ILE A 222 -2.84 -23.27 -1.06
N HIS A 223 -2.42 -24.44 -1.54
CA HIS A 223 -2.78 -24.91 -2.87
C HIS A 223 -3.76 -26.06 -2.76
N TRP A 224 -4.84 -25.98 -3.54
CA TRP A 224 -5.74 -27.11 -3.65
C TRP A 224 -5.27 -28.05 -4.75
N GLY A 225 -5.29 -29.34 -4.44
CA GLY A 225 -4.80 -30.35 -5.37
C GLY A 225 -5.87 -30.87 -6.31
N VAL B 2 6.06 32.84 11.02
CA VAL B 2 5.82 34.21 11.47
C VAL B 2 4.77 34.86 10.58
N GLN B 3 4.42 34.20 9.48
CA GLN B 3 3.42 34.73 8.56
C GLN B 3 2.70 33.60 7.85
N LEU B 4 1.37 33.66 7.87
CA LEU B 4 0.51 32.77 7.09
C LEU B 4 -0.52 33.64 6.38
N VAL B 5 -0.46 33.72 5.06
CA VAL B 5 -1.38 34.53 4.28
C VAL B 5 -2.14 33.64 3.33
N GLU B 6 -3.47 33.64 3.42
CA GLU B 6 -4.31 32.79 2.60
C GLU B 6 -5.17 33.63 1.66
N SER B 7 -5.42 33.08 0.48
CA SER B 7 -6.22 33.72 -0.54
C SER B 7 -7.12 32.68 -1.20
N GLY B 8 -8.24 33.15 -1.75
CA GLY B 8 -9.21 32.24 -2.33
C GLY B 8 -10.26 32.98 -3.11
N GLY B 9 -11.20 32.21 -3.66
CA GLY B 9 -12.23 32.78 -4.51
C GLY B 9 -13.30 33.53 -3.72
N GLY B 10 -14.02 34.38 -4.45
CA GLY B 10 -15.04 35.22 -3.85
C GLY B 10 -16.47 34.74 -4.03
N LEU B 11 -16.85 34.37 -5.25
CA LEU B 11 -18.22 34.03 -5.59
C LEU B 11 -18.30 32.65 -6.24
N VAL B 12 -19.40 31.96 -5.98
CA VAL B 12 -19.65 30.65 -6.58
C VAL B 12 -21.11 30.29 -6.37
N GLN B 13 -21.68 29.59 -7.35
CA GLN B 13 -22.99 28.96 -7.51
C GLN B 13 -22.94 27.52 -7.04
N PRO B 14 -24.04 26.96 -6.53
CA PRO B 14 -24.04 25.56 -6.10
C PRO B 14 -23.56 24.63 -7.21
N GLY B 15 -22.70 23.69 -6.85
CA GLY B 15 -22.06 22.82 -7.80
C GLY B 15 -20.78 23.36 -8.40
N GLY B 16 -20.37 24.58 -8.04
CA GLY B 16 -19.19 25.19 -8.61
C GLY B 16 -17.92 24.77 -7.88
N SER B 17 -16.84 25.50 -8.17
CA SER B 17 -15.54 25.19 -7.59
C SER B 17 -14.69 26.46 -7.54
N LEU B 18 -13.64 26.41 -6.73
CA LEU B 18 -12.72 27.53 -6.55
C LEU B 18 -11.46 27.03 -5.84
N ARG B 19 -10.47 27.92 -5.78
CA ARG B 19 -9.14 27.59 -5.28
C ARG B 19 -8.86 28.35 -3.99
N LEU B 20 -8.30 27.64 -3.00
CA LEU B 20 -7.87 28.23 -1.75
C LEU B 20 -6.40 27.88 -1.51
N SER B 21 -5.60 28.87 -1.16
CA SER B 21 -4.17 28.68 -0.93
C SER B 21 -3.74 29.42 0.32
N CYS B 22 -2.63 28.96 0.90
CA CYS B 22 -2.10 29.50 2.15
C CYS B 22 -0.58 29.46 2.06
N ALA B 23 0.04 30.63 2.00
CA ALA B 23 1.49 30.76 1.88
C ALA B 23 2.09 31.01 3.26
N ALA B 24 3.15 30.27 3.57
CA ALA B 24 3.82 30.30 4.86
C ALA B 24 5.21 30.91 4.72
N SER B 25 5.61 31.68 5.73
CA SER B 25 6.94 32.26 5.72
C SER B 25 7.40 32.52 7.15
N GLY B 26 8.67 32.20 7.42
CA GLY B 26 9.27 32.47 8.70
C GLY B 26 9.68 31.25 9.51
N PHE B 27 9.45 30.03 9.05
CA PHE B 27 9.83 28.85 9.80
C PHE B 27 10.04 27.69 8.84
N ILE B 28 10.46 26.55 9.39
CA ILE B 28 10.70 25.35 8.61
C ILE B 28 9.34 24.70 8.33
N PHE B 29 8.78 25.01 7.17
CA PHE B 29 7.44 24.55 6.83
C PHE B 29 7.36 23.04 6.72
N SER B 30 8.48 22.36 6.52
CA SER B 30 8.47 20.92 6.27
C SER B 30 8.38 20.08 7.53
N SER B 31 8.35 20.71 8.71
CA SER B 31 8.36 20.00 9.97
C SER B 31 7.00 19.92 10.64
N TYR B 32 6.31 21.06 10.79
CA TYR B 32 5.17 21.16 11.68
C TYR B 32 3.91 20.54 11.06
N GLU B 33 2.80 20.73 11.76
CA GLU B 33 1.49 20.26 11.36
C GLU B 33 0.63 21.44 10.92
N MET B 34 -0.17 21.26 9.87
CA MET B 34 -1.04 22.31 9.38
C MET B 34 -2.50 22.01 9.73
N HIS B 35 -3.30 23.07 9.83
CA HIS B 35 -4.71 22.95 10.20
C HIS B 35 -5.54 23.94 9.42
N TRP B 36 -6.67 23.49 8.89
CA TRP B 36 -7.66 24.33 8.23
C TRP B 36 -8.95 24.32 9.05
N VAL B 37 -9.50 25.50 9.28
CA VAL B 37 -10.65 25.72 10.15
C VAL B 37 -11.64 26.62 9.44
N ARG B 38 -12.94 26.35 9.62
CA ARG B 38 -14.00 27.13 8.99
C ARG B 38 -14.88 27.76 10.06
N GLN B 39 -15.17 29.05 9.90
CA GLN B 39 -16.04 29.78 10.81
C GLN B 39 -17.32 30.18 10.08
N ALA B 40 -18.45 29.69 10.58
CA ALA B 40 -19.74 30.04 10.02
C ALA B 40 -20.11 31.47 10.41
N PRO B 41 -21.02 32.11 9.66
CA PRO B 41 -21.38 33.50 10.00
C PRO B 41 -21.95 33.66 11.40
N GLY B 42 -22.74 32.70 11.88
CA GLY B 42 -23.34 32.82 13.19
C GLY B 42 -23.05 31.67 14.13
N LYS B 43 -22.74 30.49 13.58
CA LYS B 43 -22.57 29.31 14.42
C LYS B 43 -21.31 29.42 15.27
N GLY B 44 -20.19 29.83 14.68
CA GLY B 44 -18.93 29.90 15.37
C GLY B 44 -17.86 29.15 14.60
N LEU B 45 -16.88 28.64 15.34
CA LEU B 45 -15.73 27.98 14.74
C LEU B 45 -15.98 26.49 14.58
N GLU B 46 -15.28 25.89 13.62
CA GLU B 46 -15.37 24.44 13.41
C GLU B 46 -14.12 24.01 12.63
N TRP B 47 -13.25 23.26 13.29
CA TRP B 47 -12.07 22.71 12.63
C TRP B 47 -12.50 21.69 11.58
N ILE B 48 -11.85 21.72 10.40
CA ILE B 48 -12.25 20.88 9.29
C ILE B 48 -11.15 19.91 8.86
N SER B 49 -9.88 20.32 8.86
CA SER B 49 -8.88 19.36 8.35
C SER B 49 -7.51 19.64 8.95
N TYR B 50 -6.63 18.62 8.88
CA TYR B 50 -5.24 18.82 9.25
C TYR B 50 -4.34 18.05 8.29
N ILE B 51 -3.08 18.49 8.27
CA ILE B 51 -2.02 17.91 7.46
C ILE B 51 -0.87 17.56 8.40
N SER B 52 -0.42 16.30 8.35
CA SER B 52 0.63 15.77 9.21
C SER B 52 1.95 15.87 8.47
N SER B 53 2.67 16.97 8.69
CA SER B 53 3.91 17.24 7.98
C SER B 53 3.70 17.06 6.49
N SER B 54 4.28 16.02 5.91
CA SER B 54 4.16 15.76 4.48
C SER B 54 3.41 14.48 4.14
N GLY B 55 3.29 13.54 5.09
CA GLY B 55 2.75 12.23 4.80
C GLY B 55 1.25 12.14 4.62
N THR B 56 0.49 12.39 5.69
CA THR B 56 -0.94 12.12 5.72
C THR B 56 -1.73 13.41 5.92
N THR B 57 -3.01 13.34 5.56
CA THR B 57 -3.95 14.43 5.76
C THR B 57 -5.29 13.83 6.14
N ILE B 58 -5.99 14.43 7.10
CA ILE B 58 -7.31 13.94 7.50
C ILE B 58 -8.26 15.11 7.70
N TYR B 59 -9.47 14.99 7.14
CA TYR B 59 -10.48 16.02 7.14
C TYR B 59 -11.48 15.80 8.27
N TYR B 60 -12.54 16.62 8.28
CA TYR B 60 -13.58 16.57 9.28
C TYR B 60 -14.47 15.34 9.09
N ALA B 61 -15.38 15.13 10.05
CA ALA B 61 -16.20 13.93 10.04
C ALA B 61 -17.28 14.00 8.96
N ASP B 62 -17.98 15.12 8.87
CA ASP B 62 -19.10 15.18 7.95
C ASP B 62 -19.09 16.38 7.02
N SER B 63 -18.67 17.55 7.50
CA SER B 63 -18.82 18.78 6.73
C SER B 63 -17.98 18.74 5.46
N VAL B 64 -16.78 18.18 5.53
CA VAL B 64 -15.85 18.21 4.42
C VAL B 64 -15.40 16.77 4.18
N LYS B 65 -16.26 15.81 4.54
CA LYS B 65 -15.85 14.41 4.54
C LYS B 65 -15.48 13.92 3.14
N GLY B 66 -16.26 14.29 2.13
CA GLY B 66 -16.01 13.79 0.79
C GLY B 66 -16.16 14.81 -0.31
N ARG B 67 -15.88 16.08 -0.02
CA ARG B 67 -16.07 17.14 -1.00
C ARG B 67 -14.80 17.92 -1.32
N PHE B 68 -13.99 18.25 -0.31
CA PHE B 68 -12.79 19.03 -0.53
C PHE B 68 -11.56 18.13 -0.37
N THR B 69 -10.49 18.47 -1.09
CA THR B 69 -9.22 17.77 -0.98
C THR B 69 -8.10 18.79 -0.84
N ILE B 70 -7.07 18.43 -0.08
CA ILE B 70 -6.02 19.37 0.31
C ILE B 70 -4.65 18.74 0.08
N SER B 71 -3.65 19.60 -0.10
CA SER B 71 -2.26 19.17 -0.26
C SER B 71 -1.35 20.34 0.05
N ARG B 72 -0.05 20.10 -0.07
CA ARG B 72 0.94 21.13 0.22
C ARG B 72 2.19 20.91 -0.62
N ASP B 73 2.97 21.98 -0.76
CA ASP B 73 4.25 21.96 -1.45
C ASP B 73 5.30 22.53 -0.52
N ASN B 74 6.30 21.71 -0.17
CA ASN B 74 7.33 22.15 0.76
C ASN B 74 8.29 23.13 0.11
N ALA B 75 8.69 22.88 -1.13
CA ALA B 75 9.65 23.74 -1.80
C ALA B 75 9.09 25.15 -1.99
N LYS B 76 7.82 25.25 -2.38
CA LYS B 76 7.17 26.53 -2.55
C LYS B 76 6.60 27.09 -1.24
N ASN B 77 6.53 26.26 -0.19
CA ASN B 77 5.96 26.65 1.10
C ASN B 77 4.50 27.07 0.95
N SER B 78 3.70 26.15 0.43
CA SER B 78 2.29 26.43 0.20
C SER B 78 1.42 25.29 0.74
N LEU B 79 0.22 25.65 1.18
CA LEU B 79 -0.77 24.68 1.64
C LEU B 79 -2.11 25.08 1.03
N TYR B 80 -2.68 24.21 0.20
CA TYR B 80 -3.84 24.60 -0.58
C TYR B 80 -4.85 23.47 -0.70
N LEU B 81 -6.13 23.86 -0.67
CA LEU B 81 -7.24 22.98 -1.00
C LEU B 81 -8.19 23.73 -1.92
N HIS B 82 -8.88 23.00 -2.78
CA HIS B 82 -9.89 23.56 -3.66
C HIS B 82 -11.24 22.94 -3.32
N MET B 83 -12.26 23.78 -3.26
CA MET B 83 -13.58 23.32 -2.86
C MET B 83 -14.40 22.92 -4.08
N ASN B 84 -15.18 21.86 -3.91
CA ASN B 84 -16.04 21.33 -4.96
C ASN B 84 -17.43 21.10 -4.40
N SER B 85 -18.44 21.25 -5.27
CA SER B 85 -19.83 20.99 -4.92
C SER B 85 -20.25 21.80 -3.69
N LEU B 86 -20.06 23.11 -3.78
CA LEU B 86 -20.41 24.00 -2.68
C LEU B 86 -21.91 24.09 -2.53
N ARG B 87 -22.34 24.60 -1.37
CA ARG B 87 -23.75 24.71 -1.04
C ARG B 87 -24.02 26.09 -0.45
N ALA B 88 -25.29 26.30 -0.05
CA ALA B 88 -25.67 27.59 0.51
C ALA B 88 -25.27 27.73 1.98
N GLU B 89 -25.02 26.62 2.67
CA GLU B 89 -24.63 26.67 4.08
C GLU B 89 -23.13 26.75 4.29
N ASP B 90 -22.34 26.61 3.23
CA ASP B 90 -20.89 26.66 3.33
C ASP B 90 -20.33 28.06 3.16
N THR B 91 -21.19 29.06 3.01
CA THR B 91 -20.74 30.44 2.93
C THR B 91 -20.17 30.85 4.29
N ALA B 92 -18.87 31.01 4.37
CA ALA B 92 -18.22 31.15 5.67
C ALA B 92 -16.88 31.87 5.50
N VAL B 93 -16.07 31.84 6.55
CA VAL B 93 -14.71 32.37 6.52
C VAL B 93 -13.76 31.22 6.80
N TYR B 94 -12.57 31.28 6.20
CA TYR B 94 -11.64 30.17 6.26
C TYR B 94 -10.30 30.61 6.83
N TYR B 95 -9.73 29.75 7.69
CA TYR B 95 -8.55 30.01 8.49
C TYR B 95 -7.52 28.91 8.29
N CYS B 96 -6.25 29.31 8.25
CA CYS B 96 -5.10 28.44 8.05
C CYS B 96 -4.13 28.67 9.20
N THR B 97 -3.82 27.62 9.97
CA THR B 97 -2.99 27.79 11.16
C THR B 97 -2.03 26.61 11.31
N ARG B 98 -1.08 26.75 12.22
CA ARG B 98 -0.05 25.74 12.41
C ARG B 98 -0.19 25.09 13.79
N ALA B 99 0.54 24.00 13.99
CA ALA B 99 0.54 23.30 15.26
C ALA B 99 1.97 23.18 15.76
N ARG B 100 2.20 23.54 17.01
CA ARG B 100 3.52 23.50 17.62
C ARG B 100 3.50 22.59 18.83
N ILE B 101 4.54 21.77 18.96
CA ILE B 101 4.66 20.81 20.06
C ILE B 101 5.63 21.38 21.07
N THR B 102 5.11 21.82 22.22
CA THR B 102 5.96 22.41 23.25
C THR B 102 6.69 21.34 24.05
N GLY B 103 5.94 20.54 24.78
CA GLY B 103 6.49 19.39 25.47
C GLY B 103 5.92 18.13 24.88
N THR B 104 4.93 17.56 25.56
CA THR B 104 4.11 16.50 25.00
C THR B 104 2.81 17.04 24.42
N PHE B 105 2.63 18.36 24.42
CA PHE B 105 1.39 19.00 24.00
C PHE B 105 1.57 19.60 22.62
N ASP B 106 0.53 19.52 21.80
CA ASP B 106 0.48 20.21 20.52
C ASP B 106 -0.63 21.26 20.56
N VAL B 107 -0.28 22.50 20.24
CA VAL B 107 -1.18 23.62 20.38
C VAL B 107 -1.21 24.42 19.08
N PHE B 108 -2.36 25.04 18.81
CA PHE B 108 -2.50 25.82 17.60
C PHE B 108 -1.80 27.16 17.73
N ASP B 109 -0.98 27.48 16.75
CA ASP B 109 -0.19 28.70 16.75
C ASP B 109 -0.34 29.41 15.41
N ILE B 110 -0.14 30.73 15.47
CA ILE B 110 -0.26 31.69 14.37
C ILE B 110 -1.36 31.31 13.39
N TRP B 111 -2.56 31.81 13.64
CA TRP B 111 -3.68 31.58 12.73
C TRP B 111 -3.55 32.46 11.49
N GLY B 112 -4.11 31.99 10.38
CA GLY B 112 -4.19 32.80 9.20
C GLY B 112 -5.29 33.84 9.29
N GLN B 113 -5.21 34.83 8.40
CA GLN B 113 -6.17 35.93 8.45
C GLN B 113 -7.56 35.45 8.07
N GLY B 114 -7.66 34.56 7.10
CA GLY B 114 -8.94 34.02 6.70
C GLY B 114 -9.50 34.71 5.46
N THR B 115 -10.28 33.97 4.69
CA THR B 115 -10.90 34.50 3.47
C THR B 115 -12.39 34.20 3.48
N MET B 116 -13.16 35.05 2.81
CA MET B 116 -14.61 34.92 2.77
C MET B 116 -15.04 34.18 1.52
N VAL B 117 -15.95 33.22 1.69
CA VAL B 117 -16.55 32.50 0.58
C VAL B 117 -18.06 32.59 0.71
N THR B 118 -18.73 33.04 -0.35
CA THR B 118 -20.18 33.21 -0.34
C THR B 118 -20.80 32.49 -1.52
N VAL B 119 -22.04 32.05 -1.33
CA VAL B 119 -22.80 31.34 -2.34
C VAL B 119 -24.18 31.97 -2.45
N SER B 120 -24.56 32.37 -3.65
CA SER B 120 -25.86 32.99 -3.88
C SER B 120 -26.20 33.04 -5.37
N ASP C 1 -16.82 14.29 17.27
CA ASP C 1 -16.96 13.10 18.10
C ASP C 1 -17.32 13.46 19.53
N ILE C 2 -16.31 13.89 20.31
CA ILE C 2 -16.51 14.25 21.71
C ILE C 2 -17.11 15.65 21.73
N GLN C 3 -18.44 15.73 21.81
CA GLN C 3 -19.11 17.02 21.92
C GLN C 3 -18.72 17.69 23.24
N MET C 4 -18.40 18.97 23.16
CA MET C 4 -17.83 19.68 24.30
C MET C 4 -18.66 20.93 24.54
N THR C 5 -19.61 20.84 25.48
CA THR C 5 -20.49 21.94 25.80
C THR C 5 -19.77 22.97 26.65
N GLN C 6 -20.48 24.07 26.91
CA GLN C 6 -19.92 25.17 27.71
C GLN C 6 -21.06 25.87 28.44
N SER C 7 -20.89 26.06 29.74
CA SER C 7 -21.84 26.85 30.50
C SER C 7 -21.87 28.26 29.94
N PRO C 8 -23.05 28.83 29.67
CA PRO C 8 -23.09 30.13 29.01
C PRO C 8 -22.53 31.25 29.87
N SER C 9 -23.06 31.42 31.08
CA SER C 9 -22.52 32.40 32.03
C SER C 9 -22.38 33.78 31.39
N SER C 10 -23.23 34.09 30.41
CA SER C 10 -23.14 35.33 29.65
C SER C 10 -23.65 36.48 30.54
N LEU C 11 -22.89 36.74 31.60
CA LEU C 11 -23.27 37.70 32.62
C LEU C 11 -22.39 38.94 32.53
N SER C 12 -23.01 40.09 32.79
CA SER C 12 -22.28 41.35 32.76
C SER C 12 -21.26 41.41 33.88
N ALA C 13 -20.13 42.04 33.60
CA ALA C 13 -19.07 42.24 34.57
C ALA C 13 -18.82 43.73 34.74
N SER C 14 -17.76 44.07 35.47
CA SER C 14 -17.38 45.46 35.71
C SER C 14 -15.86 45.54 35.68
N VAL C 15 -15.33 46.66 36.16
CA VAL C 15 -13.89 46.86 36.18
C VAL C 15 -13.33 46.16 37.42
N GLY C 16 -13.00 44.89 37.27
CA GLY C 16 -12.44 44.10 38.35
C GLY C 16 -13.45 43.17 38.99
N ASP C 17 -13.44 41.90 38.58
CA ASP C 17 -14.32 40.87 39.09
C ASP C 17 -13.57 39.56 39.15
N ARG C 18 -14.27 38.50 39.56
CA ARG C 18 -13.70 37.16 39.62
C ARG C 18 -14.81 36.19 39.17
N VAL C 19 -14.82 35.88 37.88
CA VAL C 19 -15.87 35.08 37.28
C VAL C 19 -15.28 33.78 36.76
N THR C 20 -16.03 32.69 36.95
CA THR C 20 -15.64 31.37 36.47
C THR C 20 -16.40 31.05 35.20
N ILE C 21 -15.68 30.53 34.21
CA ILE C 21 -16.28 30.08 32.96
C ILE C 21 -15.94 28.61 32.83
N THR C 22 -16.94 27.76 32.99
CA THR C 22 -16.73 26.32 33.03
C THR C 22 -17.31 25.69 31.78
N CYS C 23 -16.57 24.76 31.18
CA CYS C 23 -17.06 24.02 30.03
C CYS C 23 -16.70 22.55 30.22
N ARG C 24 -17.67 21.76 30.68
CA ARG C 24 -17.46 20.35 30.93
C ARG C 24 -17.46 19.58 29.62
N ALA C 25 -16.44 18.75 29.43
CA ALA C 25 -16.43 17.86 28.28
C ALA C 25 -17.28 16.63 28.56
N SER C 26 -17.88 16.09 27.50
CA SER C 26 -18.73 14.91 27.67
C SER C 26 -17.93 13.73 28.19
N GLN C 27 -16.71 13.53 27.68
CA GLN C 27 -15.81 12.51 28.14
C GLN C 27 -14.71 13.13 28.99
N SER C 28 -14.06 12.29 29.80
CA SER C 28 -13.05 12.76 30.74
C SER C 28 -11.72 12.89 30.02
N ILE C 29 -11.43 14.08 29.52
CA ILE C 29 -10.10 14.37 28.99
C ILE C 29 -9.19 14.74 30.14
N SER C 30 -8.02 14.12 30.18
CA SER C 30 -7.14 14.23 31.34
C SER C 30 -6.67 15.66 31.59
N SER C 31 -5.85 16.20 30.69
CA SER C 31 -5.27 17.52 30.94
C SER C 31 -5.15 18.37 29.69
N TYR C 32 -5.72 17.95 28.56
CA TYR C 32 -5.50 18.61 27.29
C TYR C 32 -6.68 19.53 26.98
N LEU C 33 -6.42 20.83 26.98
CA LEU C 33 -7.46 21.82 26.77
C LEU C 33 -6.82 23.18 26.52
N ASN C 34 -7.39 23.94 25.60
CA ASN C 34 -6.88 25.26 25.26
C ASN C 34 -8.01 26.27 25.34
N TRP C 35 -7.70 27.46 25.81
CA TRP C 35 -8.64 28.57 25.86
C TRP C 35 -8.28 29.57 24.78
N TYR C 36 -9.24 29.87 23.90
CA TYR C 36 -9.04 30.80 22.80
C TYR C 36 -9.93 32.01 22.99
N GLN C 37 -9.35 33.19 22.95
CA GLN C 37 -10.08 34.44 23.05
C GLN C 37 -10.29 34.99 21.65
N GLN C 38 -11.50 34.85 21.13
CA GLN C 38 -11.80 35.22 19.75
C GLN C 38 -12.43 36.61 19.74
N LYS C 39 -11.68 37.59 19.24
CA LYS C 39 -12.21 38.93 19.05
C LYS C 39 -13.20 38.93 17.90
N PRO C 40 -14.11 39.91 17.86
CA PRO C 40 -15.06 39.97 16.74
C PRO C 40 -14.39 40.24 15.40
N GLY C 41 -14.46 39.26 14.50
CA GLY C 41 -13.89 39.41 13.17
C GLY C 41 -12.41 39.09 13.07
N LYS C 42 -11.80 38.50 14.09
CA LYS C 42 -10.38 38.21 14.06
C LYS C 42 -10.12 36.73 14.39
N ALA C 43 -8.87 36.39 14.60
CA ALA C 43 -8.44 35.03 14.87
C ALA C 43 -8.19 34.82 16.35
N PRO C 44 -8.30 33.57 16.83
CA PRO C 44 -8.07 33.29 18.25
C PRO C 44 -6.62 33.53 18.67
N LYS C 45 -6.38 33.46 19.98
CA LYS C 45 -5.10 33.83 20.58
C LYS C 45 -4.43 32.76 21.43
N LEU C 46 -5.11 31.66 21.78
CA LEU C 46 -4.52 30.59 22.58
C LEU C 46 -4.04 31.10 23.94
N LEU C 47 -5.02 31.48 24.77
CA LEU C 47 -4.69 32.03 26.08
C LEU C 47 -3.90 31.05 26.94
N ILE C 48 -4.39 29.82 27.08
CA ILE C 48 -3.85 28.87 28.05
C ILE C 48 -3.84 27.48 27.42
N PHE C 49 -2.77 26.74 27.66
CA PHE C 49 -2.68 25.35 27.21
C PHE C 49 -2.36 24.44 28.38
N ALA C 50 -2.51 23.14 28.13
CA ALA C 50 -2.34 22.07 29.12
C ALA C 50 -3.33 22.16 30.27
N ALA C 51 -4.31 23.06 30.18
CA ALA C 51 -5.40 23.20 31.14
C ALA C 51 -4.92 23.74 32.48
N SER C 52 -3.61 23.87 32.65
CA SER C 52 -3.07 24.46 33.89
C SER C 52 -1.97 25.46 33.58
N ASN C 53 -1.30 25.27 32.45
CA ASN C 53 -0.12 26.08 32.12
C ASN C 53 -0.56 27.46 31.62
N LEU C 54 0.40 28.23 31.13
CA LEU C 54 0.13 29.56 30.61
C LEU C 54 1.03 29.82 29.41
N GLN C 55 0.45 30.40 28.37
CA GLN C 55 1.21 30.72 27.17
C GLN C 55 2.10 31.94 27.40
N SER C 56 3.28 31.93 26.77
CA SER C 56 4.20 33.04 26.89
C SER C 56 3.59 34.31 26.33
N GLY C 57 3.88 35.43 26.97
CA GLY C 57 3.33 36.71 26.56
C GLY C 57 1.90 36.94 26.95
N VAL C 58 1.33 36.09 27.80
CA VAL C 58 -0.07 36.20 28.22
C VAL C 58 -0.11 36.65 29.67
N PRO C 59 -0.97 37.61 30.03
CA PRO C 59 -1.03 38.07 31.42
C PRO C 59 -1.43 36.95 32.37
N SER C 60 -0.94 37.05 33.60
CA SER C 60 -1.10 36.00 34.60
C SER C 60 -2.51 35.94 35.19
N ARG C 61 -3.38 36.90 34.87
CA ARG C 61 -4.72 36.89 35.44
C ARG C 61 -5.48 35.62 35.07
N PHE C 62 -5.37 35.20 33.82
CA PHE C 62 -6.01 33.96 33.39
C PHE C 62 -5.34 32.77 34.06
N SER C 63 -6.16 31.78 34.43
CA SER C 63 -5.64 30.60 35.12
C SER C 63 -6.67 29.49 35.02
N GLY C 64 -6.22 28.29 34.65
CA GLY C 64 -7.06 27.13 34.62
C GLY C 64 -6.91 26.32 35.90
N SER C 65 -7.99 25.66 36.30
CA SER C 65 -8.00 24.92 37.55
C SER C 65 -8.15 23.42 37.39
N ARG C 66 -9.00 22.97 36.46
CA ARG C 66 -9.18 21.54 36.17
C ARG C 66 -9.58 20.77 37.42
N SER C 67 -10.78 21.10 37.90
CA SER C 67 -11.35 20.42 39.07
C SER C 67 -12.20 19.26 38.60
N GLY C 68 -11.53 18.18 38.21
CA GLY C 68 -12.20 16.95 37.84
C GLY C 68 -13.07 17.07 36.61
N THR C 69 -12.45 17.25 35.44
CA THR C 69 -13.11 17.34 34.14
C THR C 69 -14.02 18.56 34.05
N ASP C 70 -14.06 19.38 35.10
CA ASP C 70 -14.76 20.66 35.06
C ASP C 70 -13.71 21.75 34.89
N PHE C 71 -13.27 21.93 33.65
CA PHE C 71 -12.26 22.93 33.36
C PHE C 71 -12.87 24.31 33.52
N THR C 72 -12.18 25.18 34.25
CA THR C 72 -12.65 26.54 34.44
C THR C 72 -11.51 27.52 34.19
N LEU C 73 -11.85 28.66 33.63
CA LEU C 73 -10.92 29.76 33.43
C LEU C 73 -11.33 30.91 34.33
N THR C 74 -10.44 31.29 35.22
CA THR C 74 -10.70 32.36 36.17
C THR C 74 -9.93 33.61 35.78
N ILE C 75 -10.57 34.77 35.92
CA ILE C 75 -9.96 36.05 35.65
C ILE C 75 -10.21 36.95 36.84
N SER C 76 -9.15 37.56 37.35
CA SER C 76 -9.26 38.51 38.46
C SER C 76 -8.86 39.89 37.97
N SER C 77 -9.55 40.91 38.47
CA SER C 77 -9.32 42.31 38.11
C SER C 77 -9.48 42.50 36.60
N LEU C 78 -10.72 42.32 36.15
CA LEU C 78 -11.05 42.51 34.75
C LEU C 78 -10.74 43.94 34.30
N GLN C 79 -10.31 44.06 33.05
CA GLN C 79 -10.02 45.34 32.43
C GLN C 79 -10.88 45.52 31.18
N PRO C 80 -11.18 46.76 30.80
CA PRO C 80 -12.02 46.98 29.62
C PRO C 80 -11.43 46.41 28.35
N GLU C 81 -10.12 46.28 28.26
CA GLU C 81 -9.47 45.72 27.07
C GLU C 81 -9.67 44.22 26.94
N ASP C 82 -10.53 43.63 27.75
CA ASP C 82 -10.80 42.19 27.70
C ASP C 82 -12.32 41.99 27.69
N PHE C 83 -12.90 41.96 26.50
CA PHE C 83 -14.34 41.75 26.34
C PHE C 83 -14.57 41.08 25.00
N ALA C 84 -14.67 39.75 25.01
CA ALA C 84 -14.87 39.00 23.78
C ALA C 84 -15.33 37.60 24.14
N THR C 85 -15.74 36.87 23.11
CA THR C 85 -16.16 35.48 23.31
C THR C 85 -14.96 34.57 23.50
N TYR C 86 -15.15 33.55 24.33
CA TYR C 86 -14.09 32.60 24.66
C TYR C 86 -14.53 31.20 24.25
N TYR C 87 -13.70 30.52 23.48
CA TYR C 87 -13.95 29.15 23.08
C TYR C 87 -12.89 28.25 23.72
N CYS C 88 -13.35 27.21 24.39
CA CYS C 88 -12.48 26.20 24.98
C CYS C 88 -12.58 24.94 24.15
N GLN C 89 -11.44 24.40 23.74
CA GLN C 89 -11.42 23.24 22.86
C GLN C 89 -10.42 22.21 23.37
N GLN C 90 -10.61 20.98 22.92
CA GLN C 90 -9.81 19.85 23.34
C GLN C 90 -8.98 19.33 22.17
N ASN C 91 -7.70 19.10 22.42
CA ASN C 91 -6.80 18.46 21.45
C ASN C 91 -6.46 17.04 21.86
N TYR C 92 -7.38 16.38 22.57
CA TYR C 92 -7.11 15.04 23.07
C TYR C 92 -7.12 14.01 21.94
N ASN C 93 -8.06 14.12 21.01
CA ASN C 93 -8.14 13.15 19.92
C ASN C 93 -8.87 13.75 18.74
N ILE C 94 -8.42 13.39 17.55
CA ILE C 94 -9.09 13.78 16.31
C ILE C 94 -10.45 13.08 16.23
N PRO C 95 -11.53 13.77 15.83
CA PRO C 95 -11.59 15.17 15.40
C PRO C 95 -11.62 16.15 16.56
N TYR C 96 -10.95 17.28 16.38
CA TYR C 96 -11.00 18.32 17.40
C TYR C 96 -12.38 18.95 17.42
N THR C 97 -12.88 19.23 18.62
CA THR C 97 -14.19 19.83 18.81
C THR C 97 -14.05 21.10 19.64
N PHE C 98 -14.65 22.18 19.16
CA PHE C 98 -14.68 23.43 19.90
C PHE C 98 -15.87 23.44 20.85
N GLY C 99 -16.17 24.61 21.42
CA GLY C 99 -17.32 24.78 22.27
C GLY C 99 -18.24 25.87 21.73
N GLN C 100 -19.38 26.02 22.38
CA GLN C 100 -20.35 27.02 21.94
C GLN C 100 -19.78 28.43 22.07
N GLY C 101 -19.08 28.71 23.16
CA GLY C 101 -18.45 30.00 23.32
C GLY C 101 -19.31 31.00 24.06
N THR C 102 -18.90 31.38 25.26
CA THR C 102 -19.63 32.38 26.02
C THR C 102 -19.42 33.76 25.42
N LYS C 103 -20.51 34.54 25.39
CA LYS C 103 -20.45 35.92 24.91
C LYS C 103 -20.40 36.81 26.15
N LEU C 104 -19.24 36.87 26.78
CA LEU C 104 -19.08 37.71 27.96
C LEU C 104 -19.29 39.17 27.58
N GLU C 105 -20.09 39.86 28.39
CA GLU C 105 -20.52 41.22 28.08
C GLU C 105 -20.25 42.13 29.25
N ILE C 106 -20.17 43.43 28.96
CA ILE C 106 -19.96 44.44 29.99
C ILE C 106 -21.22 44.67 30.81
N VAL D 2 5.86 -5.68 -19.67
CA VAL D 2 5.61 -6.99 -20.23
C VAL D 2 6.92 -7.58 -20.75
N GLN D 3 8.02 -6.91 -20.44
CA GLN D 3 9.33 -7.32 -20.94
C GLN D 3 10.13 -8.02 -19.85
N LEU D 4 11.04 -8.88 -20.30
CA LEU D 4 11.92 -9.65 -19.42
C LEU D 4 13.35 -9.44 -19.88
N VAL D 5 14.20 -8.90 -18.99
CA VAL D 5 15.57 -8.60 -19.34
C VAL D 5 16.51 -9.20 -18.31
N GLU D 6 17.55 -9.88 -18.78
CA GLU D 6 18.52 -10.51 -17.90
C GLU D 6 19.90 -9.87 -18.10
N SER D 7 20.82 -10.19 -17.20
CA SER D 7 22.17 -9.65 -17.23
C SER D 7 23.17 -10.78 -17.05
N GLY D 8 24.32 -10.63 -17.70
CA GLY D 8 25.38 -11.62 -17.59
C GLY D 8 26.31 -11.54 -18.78
N GLY D 9 27.22 -12.52 -18.84
CA GLY D 9 28.16 -12.61 -19.94
C GLY D 9 29.52 -13.12 -19.51
N GLY D 10 30.28 -13.67 -20.46
CA GLY D 10 31.61 -14.18 -20.19
C GLY D 10 31.70 -15.68 -20.41
N VAL D 11 32.93 -16.18 -20.22
CA VAL D 11 33.24 -17.59 -20.39
C VAL D 11 34.09 -18.03 -19.21
N VAL D 12 34.06 -19.32 -18.90
CA VAL D 12 34.83 -19.88 -17.80
C VAL D 12 35.13 -21.34 -18.09
N ARG D 13 36.30 -21.80 -17.64
CA ARG D 13 36.65 -23.20 -17.75
C ARG D 13 35.79 -24.02 -16.81
N PRO D 14 35.68 -25.33 -17.04
CA PRO D 14 34.82 -26.17 -16.19
C PRO D 14 35.19 -26.05 -14.72
N GLY D 15 34.17 -25.98 -13.87
CA GLY D 15 34.35 -25.78 -12.45
C GLY D 15 34.19 -24.35 -11.98
N GLY D 16 33.83 -23.43 -12.87
CA GLY D 16 33.68 -22.02 -12.52
C GLY D 16 32.29 -21.71 -12.00
N SER D 17 32.01 -20.41 -11.92
CA SER D 17 30.73 -19.92 -11.44
C SER D 17 30.36 -18.63 -12.15
N LEU D 18 29.04 -18.38 -12.23
CA LEU D 18 28.54 -17.18 -12.87
C LEU D 18 27.09 -16.98 -12.47
N ARG D 19 26.72 -15.74 -12.17
CA ARG D 19 25.37 -15.38 -11.77
C ARG D 19 24.58 -14.86 -12.97
N LEU D 20 23.30 -15.23 -13.04
CA LEU D 20 22.40 -14.78 -14.09
C LEU D 20 21.14 -14.25 -13.41
N SER D 21 20.90 -12.95 -13.51
CA SER D 21 19.77 -12.31 -12.87
C SER D 21 18.88 -11.69 -13.94
N CYS D 22 17.57 -11.96 -13.85
CA CYS D 22 16.62 -11.36 -14.79
C CYS D 22 15.49 -10.69 -14.03
N ALA D 23 14.99 -9.62 -14.62
CA ALA D 23 13.95 -8.78 -14.03
C ALA D 23 12.83 -8.57 -15.04
N ALA D 24 11.64 -8.30 -14.50
CA ALA D 24 10.43 -8.10 -15.28
C ALA D 24 9.99 -6.65 -15.20
N SER D 25 9.51 -6.11 -16.32
CA SER D 25 8.97 -4.77 -16.38
C SER D 25 7.57 -4.81 -16.96
N GLY D 26 6.65 -4.09 -16.33
CA GLY D 26 5.27 -4.07 -16.76
C GLY D 26 4.41 -5.19 -16.24
N PHE D 27 4.80 -5.80 -15.11
CA PHE D 27 4.08 -6.94 -14.56
C PHE D 27 3.76 -6.71 -13.09
N THR D 28 2.74 -7.43 -12.62
CA THR D 28 2.52 -7.61 -11.18
C THR D 28 3.28 -8.87 -10.79
N PHE D 29 4.46 -8.67 -10.21
CA PHE D 29 5.40 -9.78 -10.03
C PHE D 29 4.83 -10.86 -9.13
N ASP D 30 4.18 -10.48 -8.03
CA ASP D 30 3.65 -11.45 -7.09
C ASP D 30 2.51 -12.27 -7.67
N ASP D 31 1.87 -11.78 -8.74
CA ASP D 31 0.66 -12.43 -9.22
C ASP D 31 0.97 -13.72 -9.97
N PHE D 32 2.10 -13.78 -10.66
CA PHE D 32 2.46 -14.95 -11.46
C PHE D 32 3.94 -15.27 -11.29
N ASP D 33 4.28 -16.52 -11.57
CA ASP D 33 5.59 -17.07 -11.30
C ASP D 33 6.47 -17.08 -12.55
N MET D 34 7.71 -17.54 -12.41
CA MET D 34 8.71 -17.48 -13.47
C MET D 34 9.23 -18.88 -13.77
N SER D 35 10.17 -18.97 -14.72
CA SER D 35 10.79 -20.22 -15.11
C SER D 35 12.03 -19.93 -15.94
N TRP D 36 12.71 -21.00 -16.35
CA TRP D 36 13.88 -20.90 -17.23
C TRP D 36 13.80 -21.95 -18.32
N VAL D 37 14.15 -21.56 -19.54
CA VAL D 37 14.23 -22.47 -20.67
C VAL D 37 15.53 -22.20 -21.41
N ARG D 38 16.21 -23.27 -21.81
CA ARG D 38 17.49 -23.18 -22.50
C ARG D 38 17.38 -23.79 -23.88
N GLN D 39 18.31 -23.39 -24.76
CA GLN D 39 18.42 -23.99 -26.08
C GLN D 39 19.88 -24.03 -26.51
N GLY D 40 20.36 -25.22 -26.85
CA GLY D 40 21.62 -25.36 -27.52
C GLY D 40 21.41 -25.25 -29.02
N PRO D 41 22.42 -24.76 -29.74
CA PRO D 41 22.24 -24.58 -31.19
C PRO D 41 21.89 -25.86 -31.92
N GLY D 42 22.45 -26.99 -31.49
CA GLY D 42 22.17 -28.24 -32.18
C GLY D 42 20.73 -28.72 -32.01
N LYS D 43 20.19 -28.60 -30.81
CA LYS D 43 18.93 -29.23 -30.46
C LYS D 43 17.86 -28.18 -30.13
N GLY D 44 16.72 -28.66 -29.65
CA GLY D 44 15.59 -27.81 -29.36
C GLY D 44 15.61 -27.27 -27.94
N LEU D 45 14.47 -26.72 -27.53
CA LEU D 45 14.35 -26.09 -26.23
C LEU D 45 14.40 -27.12 -25.11
N GLU D 46 14.80 -26.66 -23.92
CA GLU D 46 14.86 -27.51 -22.74
C GLU D 46 14.58 -26.67 -21.52
N TRP D 47 13.91 -27.26 -20.53
CA TRP D 47 13.53 -26.56 -19.32
C TRP D 47 14.58 -26.77 -18.23
N VAL D 48 14.75 -25.73 -17.40
CA VAL D 48 15.78 -25.76 -16.37
C VAL D 48 15.17 -25.91 -14.98
N SER D 49 14.37 -24.93 -14.57
CA SER D 49 13.82 -24.91 -13.21
C SER D 49 12.80 -23.78 -13.06
N GLY D 50 12.15 -23.70 -11.90
CA GLY D 50 11.19 -22.66 -11.65
C GLY D 50 10.68 -22.72 -10.22
N ILE D 51 9.99 -21.65 -9.82
CA ILE D 51 9.42 -21.54 -8.48
C ILE D 51 7.99 -20.99 -8.55
N ASN D 52 7.39 -20.71 -7.39
CA ASN D 52 5.99 -20.31 -7.32
C ASN D 52 5.77 -18.93 -6.70
N TRP D 53 6.49 -17.92 -7.16
CA TRP D 53 6.32 -16.50 -6.80
C TRP D 53 6.42 -16.25 -5.30
N HIS D 54 6.82 -17.25 -4.51
CA HIS D 54 6.99 -17.07 -3.08
C HIS D 54 8.29 -17.69 -2.57
N GLY D 55 9.10 -18.26 -3.45
CA GLY D 55 10.34 -18.88 -3.02
C GLY D 55 10.13 -20.05 -2.08
N SER D 56 9.15 -20.90 -2.37
CA SER D 56 8.82 -22.00 -1.49
C SER D 56 8.68 -23.35 -2.20
N SER D 57 8.64 -23.38 -3.53
CA SER D 57 8.46 -24.62 -4.27
C SER D 57 9.42 -24.69 -5.44
N THR D 58 10.70 -24.45 -5.17
CA THR D 58 11.70 -24.47 -6.24
C THR D 58 11.70 -25.81 -6.97
N GLY D 59 11.83 -25.74 -8.29
CA GLY D 59 11.85 -26.92 -9.12
C GLY D 59 13.24 -27.31 -9.57
N TYR D 60 13.39 -28.58 -9.93
CA TYR D 60 14.68 -29.13 -10.33
C TYR D 60 14.61 -29.60 -11.78
N ALA D 61 15.75 -30.09 -12.27
CA ALA D 61 15.82 -30.76 -13.56
C ALA D 61 16.62 -32.05 -13.41
N ASP D 62 16.57 -32.88 -14.45
CA ASP D 62 17.26 -34.17 -14.39
C ASP D 62 18.77 -34.00 -14.28
N SER D 63 19.35 -33.06 -15.05
CA SER D 63 20.79 -32.95 -15.16
C SER D 63 21.39 -31.82 -14.34
N VAL D 64 20.65 -30.74 -14.10
CA VAL D 64 21.16 -29.60 -13.33
C VAL D 64 20.65 -29.64 -11.89
N LYS D 65 20.27 -30.82 -11.41
CA LYS D 65 19.68 -30.94 -10.08
C LYS D 65 20.64 -30.49 -8.98
N GLY D 66 21.88 -30.97 -9.04
CA GLY D 66 22.80 -30.76 -7.96
C GLY D 66 23.65 -29.51 -8.01
N ARG D 67 23.45 -28.63 -8.99
CA ARG D 67 24.34 -27.49 -9.15
C ARG D 67 23.78 -26.24 -8.47
N PHE D 68 22.59 -25.80 -8.87
CA PHE D 68 21.95 -24.66 -8.23
C PHE D 68 20.48 -24.66 -8.60
N THR D 69 19.67 -24.00 -7.75
CA THR D 69 18.24 -23.91 -7.97
C THR D 69 17.79 -22.47 -7.74
N ILE D 70 16.67 -22.12 -8.38
CA ILE D 70 16.30 -20.73 -8.57
C ILE D 70 16.08 -20.01 -7.25
N SER D 71 16.39 -18.71 -7.23
CA SER D 71 16.07 -17.84 -6.11
C SER D 71 15.30 -16.63 -6.63
N ARG D 72 14.54 -15.99 -5.76
CA ARG D 72 13.67 -14.88 -6.14
C ARG D 72 13.66 -13.84 -5.03
N ASP D 73 13.44 -12.58 -5.42
CA ASP D 73 13.21 -11.52 -4.45
C ASP D 73 12.12 -10.57 -4.98
N ASN D 74 10.91 -10.75 -4.44
CA ASN D 74 9.77 -9.96 -4.87
C ASN D 74 9.91 -8.50 -4.46
N ALA D 75 10.43 -8.25 -3.27
CA ALA D 75 10.62 -6.87 -2.82
C ALA D 75 11.57 -6.12 -3.74
N LYS D 76 12.68 -6.75 -4.12
CA LYS D 76 13.56 -6.19 -5.13
C LYS D 76 13.08 -6.47 -6.54
N ASN D 77 12.10 -7.36 -6.70
CA ASN D 77 11.47 -7.62 -8.01
C ASN D 77 12.48 -8.16 -9.01
N SER D 78 13.06 -9.30 -8.68
CA SER D 78 14.06 -9.91 -9.56
C SER D 78 14.15 -11.40 -9.28
N LEU D 79 14.82 -12.10 -10.18
CA LEU D 79 15.02 -13.54 -10.04
C LEU D 79 16.46 -13.89 -10.40
N TYR D 80 17.04 -14.83 -9.67
CA TYR D 80 18.46 -15.16 -9.77
C TYR D 80 18.66 -16.66 -9.99
N LEU D 81 19.65 -16.99 -10.81
CA LEU D 81 20.13 -18.35 -11.01
C LEU D 81 21.64 -18.27 -11.19
N GLN D 82 22.39 -18.82 -10.24
CA GLN D 82 23.84 -18.71 -10.24
C GLN D 82 24.44 -20.10 -10.41
N MET D 83 24.99 -20.36 -11.59
CA MET D 83 25.58 -21.66 -11.90
C MET D 83 26.97 -21.77 -11.32
N SER D 84 27.32 -22.97 -10.87
CA SER D 84 28.65 -23.28 -10.39
C SER D 84 28.96 -24.73 -10.67
N SER D 85 30.25 -25.06 -10.79
CA SER D 85 30.71 -26.41 -11.13
C SER D 85 30.07 -26.91 -12.42
N LEU D 86 30.37 -26.19 -13.50
CA LEU D 86 29.68 -26.39 -14.77
C LEU D 86 30.27 -27.59 -15.50
N ARG D 87 29.89 -27.76 -16.76
CA ARG D 87 30.40 -28.84 -17.59
C ARG D 87 30.41 -28.38 -19.04
N ALA D 88 31.20 -29.07 -19.86
CA ALA D 88 31.39 -28.64 -21.24
C ALA D 88 30.10 -28.62 -22.05
N GLU D 89 29.09 -29.39 -21.64
CA GLU D 89 27.83 -29.46 -22.37
C GLU D 89 26.79 -28.47 -21.85
N ASP D 90 27.23 -27.38 -21.23
CA ASP D 90 26.32 -26.36 -20.73
C ASP D 90 26.32 -25.10 -21.60
N THR D 91 26.95 -25.16 -22.76
CA THR D 91 26.97 -24.02 -23.67
C THR D 91 25.61 -23.88 -24.33
N ALA D 92 24.89 -22.81 -24.00
CA ALA D 92 23.57 -22.61 -24.55
C ALA D 92 23.16 -21.16 -24.35
N LEU D 93 22.01 -20.82 -24.92
CA LEU D 93 21.40 -19.51 -24.75
C LEU D 93 20.26 -19.64 -23.75
N TYR D 94 20.23 -18.76 -22.76
CA TYR D 94 19.32 -18.88 -21.63
C TYR D 94 18.24 -17.80 -21.66
N HIS D 95 16.98 -18.23 -21.56
CA HIS D 95 15.83 -17.34 -21.44
C HIS D 95 15.12 -17.60 -20.12
N CYS D 96 14.68 -16.52 -19.47
CA CYS D 96 13.77 -16.63 -18.33
C CYS D 96 12.39 -16.18 -18.77
N VAL D 97 11.39 -17.00 -18.47
CA VAL D 97 10.08 -16.91 -19.10
C VAL D 97 9.02 -16.63 -18.05
N ARG D 98 8.13 -15.70 -18.34
CA ARG D 98 6.95 -15.50 -17.51
C ARG D 98 6.07 -16.74 -17.58
N GLY D 99 5.43 -17.06 -16.46
CA GLY D 99 4.53 -18.19 -16.42
C GLY D 99 5.17 -19.45 -15.86
N GLY D 100 4.76 -20.60 -16.36
CA GLY D 100 5.20 -21.87 -15.81
C GLY D 100 4.48 -22.19 -14.52
N THR D 101 4.60 -23.45 -14.10
CA THR D 101 3.95 -23.89 -12.88
C THR D 101 4.64 -25.15 -12.37
N ILE D 102 4.76 -25.26 -11.05
CA ILE D 102 5.41 -26.41 -10.43
C ILE D 102 4.42 -27.06 -9.50
N VAL D 103 3.93 -26.31 -8.52
CA VAL D 103 2.85 -26.76 -7.65
C VAL D 103 1.55 -26.72 -8.43
N GLY D 104 0.51 -27.33 -7.88
CA GLY D 104 -0.78 -27.34 -8.55
C GLY D 104 -1.41 -25.97 -8.57
N ALA D 105 -2.51 -25.88 -9.34
CA ALA D 105 -3.40 -24.73 -9.38
C ALA D 105 -2.82 -23.53 -10.10
N THR D 106 -3.67 -22.87 -10.89
CA THR D 106 -3.32 -21.67 -11.65
C THR D 106 -2.05 -21.90 -12.47
N THR D 107 -2.19 -22.81 -13.43
CA THR D 107 -1.13 -23.04 -14.41
C THR D 107 -1.26 -22.02 -15.53
N PRO D 108 -0.48 -20.94 -15.49
CA PRO D 108 -0.78 -19.76 -16.32
C PRO D 108 -0.14 -19.77 -17.71
N LEU D 109 0.34 -20.91 -18.20
CA LEU D 109 1.02 -20.99 -19.50
C LEU D 109 2.25 -20.08 -19.43
N ASP D 110 2.62 -19.38 -20.50
CA ASP D 110 3.90 -18.70 -20.48
C ASP D 110 3.97 -17.58 -21.53
N TYR D 111 4.93 -16.69 -21.32
CA TYR D 111 5.24 -15.56 -22.21
C TYR D 111 6.74 -15.35 -22.24
N TRP D 112 7.37 -15.67 -23.35
CA TRP D 112 8.82 -15.68 -23.42
C TRP D 112 9.40 -14.28 -23.41
N GLY D 113 10.65 -14.17 -22.99
CA GLY D 113 11.27 -12.87 -22.79
C GLY D 113 12.72 -12.73 -23.22
N GLN D 114 13.13 -13.43 -24.27
CA GLN D 114 14.45 -13.26 -24.87
C GLN D 114 15.57 -13.68 -23.92
N GLY D 115 16.80 -13.75 -24.41
CA GLY D 115 17.93 -14.11 -23.57
C GLY D 115 19.24 -13.91 -24.30
N THR D 116 20.32 -14.24 -23.59
CA THR D 116 21.68 -14.12 -24.13
C THR D 116 22.43 -15.44 -23.95
N LEU D 117 23.64 -15.48 -24.52
CA LEU D 117 24.43 -16.70 -24.64
C LEU D 117 25.47 -16.80 -23.55
N VAL D 118 25.69 -18.02 -23.06
CA VAL D 118 26.78 -18.32 -22.14
C VAL D 118 27.44 -19.63 -22.61
N THR D 119 28.76 -19.67 -22.51
CA THR D 119 29.55 -20.79 -23.01
C THR D 119 30.65 -21.14 -22.02
N VAL D 120 30.97 -22.43 -21.96
CA VAL D 120 32.03 -22.95 -21.10
C VAL D 120 32.76 -24.07 -21.84
N SER D 121 34.07 -24.13 -21.67
CA SER D 121 34.88 -25.14 -22.32
C SER D 121 34.75 -26.50 -21.63
N ASP E 1 11.44 -38.87 -16.07
CA ASP E 1 10.41 -37.85 -15.93
C ASP E 1 9.39 -37.93 -17.07
N ILE E 2 9.01 -36.78 -17.61
CA ILE E 2 8.04 -36.71 -18.70
C ILE E 2 8.78 -36.35 -19.98
N GLN E 3 8.62 -37.17 -21.00
CA GLN E 3 9.31 -37.00 -22.28
C GLN E 3 8.30 -36.73 -23.38
N MET E 4 8.60 -35.75 -24.22
CA MET E 4 7.75 -35.38 -25.35
C MET E 4 8.51 -35.59 -26.65
N THR E 5 7.90 -36.32 -27.57
CA THR E 5 8.48 -36.59 -28.89
C THR E 5 7.59 -35.96 -29.95
N GLN E 6 8.05 -34.86 -30.54
CA GLN E 6 7.29 -34.14 -31.56
C GLN E 6 7.64 -34.72 -32.92
N SER E 7 6.75 -35.54 -33.45
CA SER E 7 6.97 -36.24 -34.71
C SER E 7 5.75 -36.09 -35.60
N PRO E 8 5.94 -36.13 -36.93
CA PRO E 8 7.22 -36.21 -37.62
C PRO E 8 7.96 -34.87 -37.71
N SER E 9 9.29 -34.93 -37.75
CA SER E 9 10.09 -33.72 -37.87
C SER E 9 10.08 -33.18 -39.30
N SER E 10 9.91 -34.05 -40.29
CA SER E 10 9.95 -33.67 -41.70
C SER E 10 8.55 -33.80 -42.30
N LEU E 11 8.07 -32.73 -42.91
CA LEU E 11 6.77 -32.71 -43.55
C LEU E 11 6.89 -32.18 -44.98
N SER E 12 5.98 -32.62 -45.84
CA SER E 12 5.96 -32.22 -47.25
C SER E 12 4.58 -31.66 -47.57
N ALA E 13 4.51 -30.34 -47.76
CA ALA E 13 3.25 -29.68 -48.08
C ALA E 13 3.53 -28.34 -48.74
N SER E 14 2.49 -27.79 -49.37
CA SER E 14 2.59 -26.52 -50.07
C SER E 14 1.56 -25.52 -49.54
N VAL E 15 1.40 -24.39 -50.23
CA VAL E 15 0.44 -23.38 -49.79
C VAL E 15 -0.97 -23.92 -49.97
N GLY E 16 -1.74 -23.92 -48.88
CA GLY E 16 -3.12 -24.38 -48.92
C GLY E 16 -3.26 -25.88 -48.85
N ASP E 17 -2.79 -26.49 -47.76
CA ASP E 17 -2.80 -27.93 -47.62
C ASP E 17 -3.46 -28.31 -46.29
N ARG E 18 -3.92 -29.55 -46.22
CA ARG E 18 -4.66 -30.10 -45.08
C ARG E 18 -3.87 -31.29 -44.55
N VAL E 19 -2.94 -31.03 -43.63
CA VAL E 19 -2.17 -32.08 -42.97
C VAL E 19 -1.99 -31.67 -41.51
N THR E 20 -2.63 -32.40 -40.61
CA THR E 20 -2.44 -32.17 -39.18
C THR E 20 -1.15 -32.85 -38.71
N MET E 21 -0.62 -32.35 -37.59
CA MET E 21 0.58 -32.91 -37.01
C MET E 21 0.39 -33.09 -35.51
N THR E 22 1.03 -34.13 -34.98
CA THR E 22 0.75 -34.62 -33.64
C THR E 22 1.94 -34.42 -32.71
N CYS E 23 1.63 -34.44 -31.41
CA CYS E 23 2.62 -34.47 -30.35
C CYS E 23 2.32 -35.66 -29.44
N ARG E 24 3.36 -36.20 -28.82
CA ARG E 24 3.23 -37.35 -27.94
C ARG E 24 3.88 -37.07 -26.60
N ALA E 25 3.36 -37.72 -25.56
CA ALA E 25 3.86 -37.53 -24.20
C ALA E 25 4.14 -38.89 -23.58
N SER E 26 5.22 -38.96 -22.79
CA SER E 26 5.58 -40.21 -22.14
C SER E 26 4.60 -40.56 -21.03
N ARG E 27 4.22 -39.58 -20.21
CA ARG E 27 3.28 -39.78 -19.12
C ARG E 27 1.98 -39.04 -19.40
N THR E 28 0.88 -39.59 -18.91
CA THR E 28 -0.43 -39.03 -19.22
C THR E 28 -0.61 -37.65 -18.59
N ILE E 29 -1.21 -36.76 -19.37
CA ILE E 29 -1.62 -35.43 -18.91
C ILE E 29 -3.02 -35.18 -19.44
N SER E 30 -3.88 -34.62 -18.59
CA SER E 30 -5.28 -34.48 -18.96
C SER E 30 -5.47 -33.39 -20.01
N SER E 31 -5.20 -32.13 -19.64
CA SER E 31 -5.37 -31.03 -20.58
C SER E 31 -4.26 -29.99 -20.44
N TYR E 32 -3.10 -30.38 -19.92
CA TYR E 32 -2.00 -29.44 -19.69
C TYR E 32 -0.97 -29.63 -20.79
N LEU E 33 -1.20 -28.97 -21.91
CA LEU E 33 -0.25 -28.99 -23.03
C LEU E 33 -0.59 -27.86 -23.99
N SER E 34 0.36 -26.97 -24.22
CA SER E 34 0.18 -25.84 -25.12
C SER E 34 0.99 -26.06 -26.40
N TRP E 35 1.00 -25.04 -27.25
CA TRP E 35 1.74 -25.07 -28.49
C TRP E 35 2.44 -23.74 -28.70
N TYR E 36 3.49 -23.76 -29.53
CA TYR E 36 4.28 -22.57 -29.82
C TYR E 36 4.68 -22.60 -31.28
N GLN E 37 5.17 -21.45 -31.75
CA GLN E 37 5.62 -21.30 -33.14
C GLN E 37 6.99 -20.67 -33.15
N GLN E 38 7.93 -21.29 -33.87
CA GLN E 38 9.32 -20.84 -33.91
C GLN E 38 9.76 -20.62 -35.35
N LYS E 39 9.51 -19.42 -35.87
CA LYS E 39 10.18 -18.97 -37.07
C LYS E 39 11.66 -18.76 -36.77
N SER E 40 12.50 -19.07 -37.75
CA SER E 40 13.94 -19.03 -37.54
C SER E 40 14.40 -17.62 -37.19
N GLY E 41 15.21 -17.51 -36.15
CA GLY E 41 15.80 -16.24 -35.77
C GLY E 41 14.93 -15.32 -34.94
N LYS E 42 13.95 -15.86 -34.21
CA LYS E 42 13.14 -15.01 -33.35
C LYS E 42 12.60 -15.82 -32.18
N VAL E 43 12.14 -15.10 -31.16
CA VAL E 43 11.64 -15.70 -29.93
C VAL E 43 10.35 -16.44 -30.23
N PRO E 44 10.13 -17.63 -29.65
CA PRO E 44 8.85 -18.33 -29.85
C PRO E 44 7.70 -17.57 -29.22
N ASN E 45 6.49 -17.86 -29.69
CA ASN E 45 5.27 -17.25 -29.18
C ASN E 45 4.22 -18.32 -28.93
N LEU E 46 3.27 -17.99 -28.07
CA LEU E 46 2.19 -18.92 -27.76
C LEU E 46 1.16 -18.91 -28.87
N LEU E 47 0.68 -20.10 -29.24
CA LEU E 47 -0.22 -20.26 -30.37
C LEU E 47 -1.51 -20.98 -30.00
N ILE E 48 -1.45 -21.93 -29.07
CA ILE E 48 -2.64 -22.59 -28.54
C ILE E 48 -2.65 -22.41 -27.04
N PHE E 49 -3.83 -22.11 -26.50
CA PHE E 49 -3.99 -21.86 -25.07
C PHE E 49 -3.97 -23.20 -24.33
N GLY E 50 -4.41 -23.21 -23.09
CA GLY E 50 -4.27 -24.35 -22.21
C GLY E 50 -4.49 -25.72 -22.82
N ALA E 51 -5.70 -26.01 -23.30
CA ALA E 51 -5.98 -27.32 -23.86
C ALA E 51 -6.34 -27.24 -25.34
N SER E 52 -7.34 -26.44 -25.71
CA SER E 52 -7.73 -26.29 -27.10
C SER E 52 -8.03 -24.86 -27.51
N SER E 53 -8.20 -23.93 -26.57
CA SER E 53 -8.58 -22.58 -26.92
C SER E 53 -7.39 -21.83 -27.51
N LEU E 54 -7.65 -20.58 -27.93
CA LEU E 54 -6.67 -19.77 -28.63
C LEU E 54 -6.46 -18.45 -27.91
N GLN E 55 -5.21 -18.01 -27.83
CA GLN E 55 -4.93 -16.70 -27.26
C GLN E 55 -5.38 -15.61 -28.21
N SER E 56 -5.79 -14.48 -27.64
CA SER E 56 -6.18 -13.34 -28.44
C SER E 56 -4.95 -12.73 -29.14
N GLY E 57 -5.22 -11.95 -30.18
CA GLY E 57 -4.15 -11.39 -31.00
C GLY E 57 -3.64 -12.33 -32.06
N VAL E 58 -4.31 -13.46 -32.29
CA VAL E 58 -3.90 -14.45 -33.26
C VAL E 58 -5.05 -14.69 -34.23
N PRO E 59 -4.79 -14.83 -35.53
CA PRO E 59 -5.88 -15.20 -36.45
C PRO E 59 -6.48 -16.54 -36.08
N SER E 60 -7.80 -16.65 -36.26
CA SER E 60 -8.57 -17.85 -35.95
C SER E 60 -8.28 -18.99 -36.91
N ARG E 61 -7.31 -18.78 -37.79
CA ARG E 61 -6.97 -19.78 -38.80
C ARG E 61 -6.41 -21.04 -38.16
N PHE E 62 -5.58 -20.90 -37.13
CA PHE E 62 -4.99 -22.06 -36.46
C PHE E 62 -6.04 -22.79 -35.63
N SER E 63 -5.95 -24.12 -35.62
CA SER E 63 -6.88 -24.92 -34.82
C SER E 63 -6.14 -26.12 -34.24
N ALA E 64 -6.68 -26.63 -33.13
CA ALA E 64 -6.04 -27.73 -32.42
C ALA E 64 -7.11 -28.58 -31.75
N SER E 65 -6.77 -29.83 -31.46
CA SER E 65 -7.72 -30.74 -30.83
C SER E 65 -6.96 -31.95 -30.27
N GLY E 66 -7.70 -32.97 -29.87
CA GLY E 66 -7.12 -34.19 -29.35
C GLY E 66 -6.40 -34.01 -28.04
N SER E 67 -7.01 -33.27 -27.11
CA SER E 67 -6.37 -33.04 -25.83
C SER E 67 -6.21 -34.34 -25.05
N GLY E 68 -5.11 -34.45 -24.32
CA GLY E 68 -4.80 -35.66 -23.59
C GLY E 68 -3.41 -36.21 -23.90
N THR E 69 -3.36 -37.40 -24.50
CA THR E 69 -2.09 -38.02 -24.84
C THR E 69 -1.53 -37.46 -26.14
N ASP E 70 -2.26 -37.64 -27.24
CA ASP E 70 -1.78 -37.20 -28.56
C ASP E 70 -2.53 -35.94 -28.98
N PHE E 71 -2.01 -34.80 -28.54
CA PHE E 71 -2.49 -33.52 -29.03
C PHE E 71 -2.22 -33.41 -30.52
N THR E 72 -3.13 -32.78 -31.25
CA THR E 72 -2.93 -32.56 -32.69
C THR E 72 -3.24 -31.11 -33.03
N LEU E 73 -2.53 -30.61 -34.04
CA LEU E 73 -2.71 -29.24 -34.52
C LEU E 73 -2.94 -29.30 -36.02
N ILE E 74 -3.72 -28.36 -36.53
CA ILE E 74 -4.03 -28.28 -37.96
C ILE E 74 -4.27 -26.83 -38.34
N ILE E 75 -3.77 -26.46 -39.53
CA ILE E 75 -3.86 -25.10 -40.06
C ILE E 75 -4.33 -25.19 -41.51
N SER E 76 -5.25 -24.30 -41.89
CA SER E 76 -5.83 -24.29 -43.22
C SER E 76 -5.49 -22.99 -43.92
N SER E 77 -5.54 -23.02 -45.26
CA SER E 77 -5.27 -21.87 -46.10
C SER E 77 -3.91 -21.24 -45.75
N LEU E 78 -2.87 -22.03 -45.97
CA LEU E 78 -1.54 -21.67 -45.51
C LEU E 78 -1.04 -20.39 -46.18
N GLN E 79 -0.41 -19.55 -45.38
CA GLN E 79 0.17 -18.28 -45.82
C GLN E 79 1.69 -18.40 -45.93
N PRO E 80 2.36 -17.39 -46.46
CA PRO E 80 3.83 -17.39 -46.47
C PRO E 80 4.48 -17.10 -45.12
N GLU E 81 3.72 -17.13 -44.02
CA GLU E 81 4.25 -16.82 -42.69
C GLU E 81 3.76 -17.84 -41.67
N ASP E 82 3.86 -19.12 -42.00
CA ASP E 82 3.40 -20.18 -41.12
C ASP E 82 4.32 -21.40 -41.06
N PHE E 83 5.44 -21.41 -41.79
CA PHE E 83 6.33 -22.56 -41.84
C PHE E 83 7.38 -22.42 -40.75
N ALA E 84 7.30 -23.26 -39.71
CA ALA E 84 8.15 -23.11 -38.54
C ALA E 84 8.15 -24.42 -37.75
N THR E 85 8.65 -24.35 -36.51
CA THR E 85 8.66 -25.46 -35.59
C THR E 85 7.67 -25.19 -34.46
N TYR E 86 7.13 -26.25 -33.88
CA TYR E 86 5.97 -26.16 -32.99
C TYR E 86 6.28 -26.39 -31.52
N TYR E 87 7.03 -27.44 -31.18
CA TYR E 87 7.57 -27.62 -29.82
C TYR E 87 6.44 -27.69 -28.78
N CYS E 88 5.67 -28.78 -28.87
CA CYS E 88 4.63 -29.02 -27.87
C CYS E 88 5.25 -29.11 -26.47
N GLN E 89 4.63 -28.46 -25.50
CA GLN E 89 5.17 -28.37 -24.16
C GLN E 89 4.05 -28.60 -23.14
N GLN E 90 4.41 -29.25 -22.03
CA GLN E 90 3.47 -29.53 -20.95
C GLN E 90 3.87 -28.79 -19.68
N SER E 91 2.88 -28.55 -18.82
CA SER E 91 3.10 -27.92 -17.54
C SER E 91 2.28 -28.63 -16.46
N TYR E 92 2.28 -29.96 -16.48
CA TYR E 92 1.47 -30.74 -15.56
C TYR E 92 2.25 -31.11 -14.30
N SER E 93 3.36 -31.83 -14.46
CA SER E 93 4.18 -32.28 -13.35
C SER E 93 5.62 -31.81 -13.54
N SER E 94 6.19 -31.21 -12.50
CA SER E 94 7.57 -30.76 -12.58
C SER E 94 8.50 -31.97 -12.67
N PRO E 95 9.62 -31.87 -13.42
CA PRO E 95 10.00 -30.71 -14.22
C PRO E 95 9.30 -30.65 -15.57
N LEU E 96 9.15 -29.45 -16.12
CA LEU E 96 8.55 -29.30 -17.44
C LEU E 96 9.53 -29.76 -18.51
N THR E 97 8.99 -30.19 -19.64
CA THR E 97 9.80 -30.65 -20.75
C THR E 97 9.16 -30.22 -22.06
N PHE E 98 9.98 -30.10 -23.11
CA PHE E 98 9.52 -29.70 -24.42
C PHE E 98 9.55 -30.90 -25.37
N GLY E 99 9.15 -30.66 -26.61
CA GLY E 99 9.11 -31.70 -27.61
C GLY E 99 10.36 -31.74 -28.48
N GLY E 100 10.34 -32.64 -29.46
CA GLY E 100 11.46 -32.81 -30.35
C GLY E 100 11.63 -31.68 -31.35
N GLY E 101 10.68 -31.53 -32.26
CA GLY E 101 10.75 -30.51 -33.28
C GLY E 101 10.22 -30.96 -34.62
N THR E 102 9.42 -30.12 -35.27
CA THR E 102 8.83 -30.42 -36.55
C THR E 102 9.17 -29.32 -37.54
N LYS E 103 9.66 -29.70 -38.72
CA LYS E 103 10.05 -28.77 -39.77
C LYS E 103 9.20 -29.00 -41.00
N VAL E 104 8.69 -27.91 -41.57
CA VAL E 104 7.83 -27.96 -42.74
C VAL E 104 8.48 -27.20 -43.88
N GLU E 105 8.36 -27.72 -45.09
CA GLU E 105 9.10 -27.25 -46.25
C GLU E 105 8.22 -26.38 -47.15
N ILE E 106 8.89 -25.50 -47.90
CA ILE E 106 8.23 -24.59 -48.84
C ILE E 106 8.53 -25.05 -50.26
N LYS E 107 7.56 -24.90 -51.15
CA LYS E 107 7.72 -25.36 -52.52
C LYS E 107 7.47 -24.22 -53.51
#